data_8B1N
#
_entry.id   8B1N
#
_cell.length_a   96.780
_cell.length_b   199.560
_cell.length_c   56.700
_cell.angle_alpha   90.000
_cell.angle_beta   90.000
_cell.angle_gamma   90.000
#
_symmetry.space_group_name_H-M   'P 21 21 2'
#
loop_
_entity.id
_entity.type
_entity.pdbx_description
1 polymer 'tRNA (guanine-N(1)-)-methyltransferase'
2 non-polymer 'MAGNESIUM ION'
3 non-polymer 'CHLORIDE ION'
4 non-polymer S-ADENOSYLMETHIONINE
5 non-polymer GLYCEROL
6 water water
#
_entity_poly.entity_id   1
_entity_poly.type   'polypeptide(L)'
_entity_poly.pdbx_seq_one_letter_code
;GPHMKRYNVITIFPEMINEIFKYGVLSKGIDIGLFRVNPINLRDYTEDKHKTVDDYQYGGGHGLVMKPEPIYKAIADLKS
KKDTHVVFLDPRGEQFTQKTAERLYNYDDITFVCGRYEGIDDRVRELMADEMISIGDFVITGGELAAVTIIDAVARLIPG
VLGDENSPNEESFTTGLLEYPHFTRPAEFMGKKVPEVLISGNHEEIRRWRLTESIKTTLQNRPDMILRKSLSREEEQILW
SLTRGVQRKYNIYVALMHYPMRDKEGKVVTTSITNMDLHDISRSCRTFGVKNYFVVNPMPAQREIASRVVRHWIKGYGAT
YNENRKEAFEYTIITDSLASVIKSIEEKESGSPIIIATTARYQQKAISIEKLKEIADRPILLLFGTGWGFVDDILEFADY
VLKPIHGVGDFNHLSVRSAVAIYLDRINRSFQEDIL
;
_entity_poly.pdbx_strand_id   A,B
#
loop_
_chem_comp.id
_chem_comp.type
_chem_comp.name
_chem_comp.formula
CL non-polymer 'CHLORIDE ION' 'Cl -1'
GOL non-polymer GLYCEROL 'C3 H8 O3'
MG non-polymer 'MAGNESIUM ION' 'Mg 2'
SAM non-polymer S-ADENOSYLMETHIONINE 'C15 H22 N6 O5 S'
#
# COMPACT_ATOMS: atom_id res chain seq x y z
N GLY A 1 20.91 -18.83 1.72
CA GLY A 1 22.21 -19.44 1.93
C GLY A 1 22.37 -20.70 1.09
N PRO A 2 23.39 -21.52 1.42
CA PRO A 2 23.77 -22.62 0.52
C PRO A 2 22.92 -23.88 0.63
N HIS A 3 22.02 -23.98 1.60
CA HIS A 3 21.31 -25.23 1.83
C HIS A 3 20.00 -25.28 1.07
N MET A 4 19.63 -26.49 0.62
CA MET A 4 18.31 -26.70 0.05
C MET A 4 17.24 -26.14 0.97
N LYS A 5 16.27 -25.43 0.40
CA LYS A 5 15.19 -24.88 1.21
C LYS A 5 14.41 -26.02 1.83
N ARG A 6 14.12 -25.88 3.12
CA ARG A 6 13.34 -26.86 3.87
CA ARG A 6 13.35 -26.86 3.88
C ARG A 6 12.30 -26.12 4.70
N TYR A 7 11.07 -26.65 4.70
CA TYR A 7 9.95 -26.02 5.40
C TYR A 7 9.33 -27.05 6.33
N ASN A 8 9.50 -26.87 7.65
CA ASN A 8 8.96 -27.78 8.65
C ASN A 8 7.62 -27.24 9.14
N VAL A 9 6.63 -28.11 9.25
CA VAL A 9 5.26 -27.69 9.58
C VAL A 9 4.81 -28.46 10.81
N ILE A 10 4.74 -27.78 11.94
CA ILE A 10 4.33 -28.43 13.19
C ILE A 10 2.80 -28.41 13.24
N THR A 11 2.21 -29.59 13.39
CA THR A 11 0.77 -29.71 13.16
C THR A 11 0.25 -30.99 13.81
N ILE A 12 -1.04 -30.98 14.16
CA ILE A 12 -1.68 -32.22 14.59
C ILE A 12 -2.16 -33.04 13.41
N PHE A 13 -1.99 -32.54 12.19
CA PHE A 13 -2.44 -33.22 10.97
C PHE A 13 -1.28 -33.32 9.99
N PRO A 14 -0.22 -34.05 10.35
CA PRO A 14 0.94 -34.11 9.46
C PRO A 14 0.64 -34.70 8.11
N GLU A 15 -0.26 -35.68 8.03
N GLU A 15 -0.26 -35.68 8.03
CA GLU A 15 -0.54 -36.29 6.73
CA GLU A 15 -0.56 -36.30 6.75
C GLU A 15 -1.34 -35.36 5.83
C GLU A 15 -1.35 -35.38 5.84
N MET A 16 -2.05 -34.39 6.41
CA MET A 16 -2.67 -33.37 5.58
C MET A 16 -1.62 -32.60 4.79
N ILE A 17 -0.47 -32.32 5.42
CA ILE A 17 0.61 -31.61 4.75
C ILE A 17 1.21 -32.48 3.64
N ASN A 18 1.53 -33.74 3.97
CA ASN A 18 2.09 -34.65 2.96
C ASN A 18 1.17 -34.76 1.75
N GLU A 19 -0.12 -34.90 1.99
CA GLU A 19 -1.05 -35.09 0.88
C GLU A 19 -1.08 -33.87 -0.01
N ILE A 20 -1.07 -32.68 0.58
CA ILE A 20 -1.21 -31.46 -0.22
C ILE A 20 -0.07 -31.37 -1.24
N PHE A 21 1.14 -31.76 -0.84
CA PHE A 21 2.30 -31.55 -1.69
C PHE A 21 2.56 -32.69 -2.65
N LYS A 22 1.58 -33.56 -2.86
CA LYS A 22 1.66 -34.54 -3.92
C LYS A 22 1.21 -33.99 -5.28
N TYR A 23 0.70 -32.75 -5.32
CA TYR A 23 0.00 -32.24 -6.50
C TYR A 23 0.75 -31.08 -7.14
N GLY A 24 0.73 -31.03 -8.47
CA GLY A 24 1.14 -29.82 -9.17
C GLY A 24 2.65 -29.65 -9.28
N VAL A 25 3.02 -28.47 -9.79
CA VAL A 25 4.41 -28.22 -10.12
C VAL A 25 5.28 -28.30 -8.87
N LEU A 26 4.74 -27.96 -7.70
CA LEU A 26 5.53 -28.03 -6.48
C LEU A 26 5.92 -29.46 -6.14
N SER A 27 5.02 -30.43 -6.37
CA SER A 27 5.36 -31.81 -6.08
C SER A 27 6.52 -32.26 -6.95
N LYS A 28 6.57 -31.80 -8.20
CA LYS A 28 7.71 -32.13 -9.06
C LYS A 28 9.00 -31.52 -8.51
N GLY A 29 8.93 -30.29 -8.00
CA GLY A 29 10.12 -29.69 -7.40
C GLY A 29 10.62 -30.47 -6.20
N ILE A 30 9.69 -30.94 -5.37
CA ILE A 30 10.06 -31.83 -4.27
C ILE A 30 10.72 -33.09 -4.82
N ASP A 31 10.14 -33.68 -5.87
CA ASP A 31 10.63 -34.97 -6.37
C ASP A 31 12.08 -34.90 -6.82
N ILE A 32 12.49 -33.80 -7.45
CA ILE A 32 13.85 -33.69 -7.96
C ILE A 32 14.78 -32.94 -7.00
N GLY A 33 14.36 -32.73 -5.76
CA GLY A 33 15.28 -32.26 -4.74
C GLY A 33 15.55 -30.77 -4.71
N LEU A 34 14.60 -29.95 -5.13
CA LEU A 34 14.79 -28.49 -5.08
C LEU A 34 14.39 -27.88 -3.75
N PHE A 35 13.47 -28.50 -3.02
CA PHE A 35 13.14 -28.12 -1.66
C PHE A 35 12.43 -29.30 -1.01
N ARG A 36 12.17 -29.19 0.29
CA ARG A 36 11.54 -30.27 1.02
C ARG A 36 10.53 -29.70 2.01
N VAL A 37 9.41 -30.41 2.16
CA VAL A 37 8.42 -30.09 3.19
C VAL A 37 8.46 -31.22 4.22
N ASN A 38 8.58 -30.84 5.49
N ASN A 38 8.63 -30.85 5.49
CA ASN A 38 8.83 -31.76 6.60
CA ASN A 38 8.83 -31.81 6.58
C ASN A 38 7.72 -31.59 7.64
C ASN A 38 7.73 -31.61 7.64
N PRO A 39 6.65 -32.39 7.54
CA PRO A 39 5.59 -32.26 8.58
C PRO A 39 6.08 -32.86 9.89
N ILE A 40 5.78 -32.16 10.98
CA ILE A 40 6.18 -32.58 12.33
C ILE A 40 4.91 -32.83 13.14
N ASN A 41 4.71 -34.09 13.55
CA ASN A 41 3.51 -34.48 14.29
C ASN A 41 3.59 -33.93 15.71
N LEU A 42 2.80 -32.88 15.99
CA LEU A 42 2.84 -32.27 17.32
C LEU A 42 2.46 -33.25 18.41
N ARG A 43 1.62 -34.24 18.12
CA ARG A 43 1.24 -35.20 19.16
C ARG A 43 2.39 -36.11 19.58
N ASP A 44 3.48 -36.19 18.80
CA ASP A 44 4.64 -36.97 19.23
C ASP A 44 5.24 -36.41 20.52
N TYR A 45 5.08 -35.13 20.78
CA TYR A 45 5.70 -34.47 21.93
C TYR A 45 4.72 -34.38 23.11
N THR A 46 4.12 -35.53 23.43
CA THR A 46 3.16 -35.70 24.52
C THR A 46 3.54 -36.96 25.31
N GLU A 47 2.96 -37.12 26.50
CA GLU A 47 3.26 -38.29 27.35
C GLU A 47 2.01 -38.76 28.09
N ASP A 48 0.87 -38.81 27.42
CA ASP A 48 -0.34 -39.39 28.01
C ASP A 48 -1.08 -40.17 26.93
N LYS A 49 -2.01 -41.01 27.37
CA LYS A 49 -2.68 -41.91 26.44
C LYS A 49 -3.53 -41.17 25.41
N HIS A 50 -3.91 -39.93 25.68
CA HIS A 50 -4.69 -39.14 24.73
C HIS A 50 -3.82 -38.29 23.80
N LYS A 51 -2.50 -38.31 23.98
CA LYS A 51 -1.57 -37.49 23.21
C LYS A 51 -2.05 -36.05 23.18
N THR A 52 -2.19 -35.49 24.38
CA THR A 52 -2.89 -34.23 24.59
C THR A 52 -2.01 -33.04 24.23
N VAL A 53 -2.50 -32.19 23.33
CA VAL A 53 -1.79 -30.99 22.91
C VAL A 53 -2.57 -29.72 23.21
N ASP A 54 -3.76 -29.83 23.79
CA ASP A 54 -4.60 -28.67 24.04
C ASP A 54 -5.32 -28.86 25.37
N ASP A 55 -5.84 -27.75 25.91
CA ASP A 55 -6.52 -27.79 27.19
C ASP A 55 -7.45 -26.59 27.27
N TYR A 56 -8.31 -26.59 28.28
CA TYR A 56 -9.23 -25.49 28.49
C TYR A 56 -8.43 -24.25 28.84
N GLN A 57 -8.86 -23.11 28.30
CA GLN A 57 -8.08 -21.90 28.49
C GLN A 57 -8.41 -21.26 29.82
N TYR A 58 -7.45 -20.49 30.34
CA TYR A 58 -7.71 -19.68 31.51
C TYR A 58 -8.66 -18.53 31.15
N GLY A 59 -9.47 -18.14 32.12
CA GLY A 59 -10.43 -17.07 31.93
C GLY A 59 -11.89 -17.48 31.82
N GLY A 60 -12.19 -18.76 31.99
CA GLY A 60 -13.57 -19.22 31.94
C GLY A 60 -13.93 -19.84 30.60
N GLY A 61 -15.02 -20.59 30.60
CA GLY A 61 -15.49 -21.24 29.40
C GLY A 61 -14.65 -22.45 29.06
N HIS A 62 -15.05 -23.10 27.97
CA HIS A 62 -14.41 -24.35 27.55
C HIS A 62 -13.72 -24.23 26.19
N GLY A 63 -13.40 -23.01 25.76
CA GLY A 63 -12.59 -22.85 24.57
C GLY A 63 -11.25 -23.54 24.77
N LEU A 64 -10.75 -24.15 23.69
CA LEU A 64 -9.50 -24.91 23.74
C LEU A 64 -8.35 -24.07 23.20
N VAL A 65 -7.19 -24.21 23.82
CA VAL A 65 -5.97 -23.52 23.43
C VAL A 65 -4.85 -24.55 23.37
N MET A 66 -3.97 -24.43 22.38
CA MET A 66 -2.85 -25.36 22.29
C MET A 66 -1.89 -25.12 23.44
N LYS A 67 -1.49 -26.19 24.12
CA LYS A 67 -0.64 -26.09 25.30
C LYS A 67 0.78 -25.64 24.92
N PRO A 68 1.49 -24.98 25.83
CA PRO A 68 2.85 -24.54 25.52
C PRO A 68 3.84 -25.68 25.39
N GLU A 69 3.77 -26.70 26.26
CA GLU A 69 4.84 -27.70 26.33
C GLU A 69 5.04 -28.49 25.04
N PRO A 70 4.00 -29.05 24.41
CA PRO A 70 4.27 -29.85 23.19
C PRO A 70 4.91 -29.01 22.10
N ILE A 71 4.42 -27.78 21.91
CA ILE A 71 4.97 -26.91 20.88
C ILE A 71 6.40 -26.52 21.20
N TYR A 72 6.70 -26.29 22.48
CA TYR A 72 8.06 -25.95 22.87
C TYR A 72 9.02 -27.10 22.54
N LYS A 73 8.65 -28.32 22.92
CA LYS A 73 9.52 -29.46 22.68
C LYS A 73 9.70 -29.69 21.18
N ALA A 74 8.61 -29.56 20.42
CA ALA A 74 8.70 -29.79 18.99
C ALA A 74 9.67 -28.80 18.34
N ILE A 75 9.65 -27.54 18.79
CA ILE A 75 10.56 -26.54 18.24
C ILE A 75 11.98 -26.82 18.73
N ALA A 76 12.14 -27.08 20.02
CA ALA A 76 13.46 -27.39 20.58
C ALA A 76 14.09 -28.59 19.87
N ASP A 77 13.28 -29.58 19.51
CA ASP A 77 13.82 -30.76 18.83
C ASP A 77 14.43 -30.36 17.49
N LEU A 78 13.71 -29.57 16.70
CA LEU A 78 14.24 -29.10 15.41
C LEU A 78 15.51 -28.28 15.61
N LYS A 79 15.49 -27.30 16.52
CA LYS A 79 16.68 -26.48 16.74
C LYS A 79 17.88 -27.32 17.17
N SER A 80 17.64 -28.46 17.82
CA SER A 80 18.75 -29.32 18.22
C SER A 80 19.44 -29.96 17.03
N LYS A 81 18.73 -30.10 15.91
CA LYS A 81 19.26 -30.72 14.70
C LYS A 81 19.78 -29.72 13.68
N LYS A 82 19.18 -28.54 13.58
CA LYS A 82 19.54 -27.56 12.56
C LYS A 82 19.04 -26.18 12.99
N ASP A 83 19.72 -25.13 12.53
CA ASP A 83 19.19 -23.79 12.73
C ASP A 83 17.89 -23.64 11.95
N THR A 84 16.91 -22.97 12.54
CA THR A 84 15.67 -22.75 11.82
C THR A 84 15.08 -21.41 12.25
N HIS A 85 14.23 -20.87 11.36
CA HIS A 85 13.52 -19.61 11.57
C HIS A 85 12.06 -19.96 11.87
N VAL A 86 11.55 -19.50 13.01
CA VAL A 86 10.30 -20.01 13.57
C VAL A 86 9.17 -19.00 13.34
N VAL A 87 8.16 -19.39 12.56
CA VAL A 87 7.01 -18.55 12.25
C VAL A 87 5.78 -19.14 12.94
N PHE A 88 5.14 -18.37 13.82
CA PHE A 88 3.83 -18.76 14.34
C PHE A 88 2.77 -18.16 13.42
N LEU A 89 1.87 -18.99 12.93
CA LEU A 89 0.79 -18.50 12.09
C LEU A 89 -0.31 -17.99 13.00
N ASP A 90 -0.67 -16.71 12.83
CA ASP A 90 -1.51 -16.01 13.79
C ASP A 90 -2.11 -14.78 13.13
N PRO A 91 -3.43 -14.60 13.23
CA PRO A 91 -4.06 -13.38 12.67
C PRO A 91 -3.42 -12.09 13.14
N ARG A 92 -2.78 -12.09 14.32
CA ARG A 92 -2.12 -10.91 14.85
C ARG A 92 -0.82 -10.57 14.13
N GLY A 93 -0.33 -11.46 13.26
CA GLY A 93 0.98 -11.29 12.66
C GLY A 93 0.97 -10.38 11.44
N GLU A 94 2.15 -10.26 10.80
CA GLU A 94 2.25 -9.54 9.55
C GLU A 94 1.35 -10.15 8.49
N GLN A 95 0.54 -9.31 7.84
CA GLN A 95 -0.28 -9.76 6.72
C GLN A 95 0.63 -10.25 5.59
N PHE A 96 0.45 -11.50 5.18
CA PHE A 96 1.35 -12.11 4.19
C PHE A 96 1.11 -11.51 2.82
N THR A 97 2.17 -11.00 2.19
CA THR A 97 2.11 -10.46 0.85
C THR A 97 3.28 -11.00 0.04
N GLN A 98 3.37 -10.55 -1.23
CA GLN A 98 4.49 -10.96 -2.07
C GLN A 98 5.82 -10.47 -1.52
N LYS A 99 5.84 -9.26 -0.93
CA LYS A 99 7.08 -8.81 -0.28
C LYS A 99 7.47 -9.73 0.88
N THR A 100 6.50 -10.25 1.61
CA THR A 100 6.80 -11.23 2.66
C THR A 100 7.41 -12.50 2.05
N ALA A 101 6.82 -12.99 0.96
CA ALA A 101 7.34 -14.19 0.32
C ALA A 101 8.78 -13.96 -0.13
N GLU A 102 9.06 -12.79 -0.69
CA GLU A 102 10.43 -12.51 -1.14
C GLU A 102 11.39 -12.43 0.04
N ARG A 103 10.93 -11.88 1.18
CA ARG A 103 11.79 -11.83 2.37
C ARG A 103 12.02 -13.22 2.95
N LEU A 104 10.96 -14.01 3.12
CA LEU A 104 11.12 -15.34 3.68
C LEU A 104 11.97 -16.23 2.78
N TYR A 105 11.98 -15.93 1.47
CA TYR A 105 12.80 -16.70 0.56
C TYR A 105 14.25 -16.82 1.03
N ASN A 106 14.78 -15.78 1.68
CA ASN A 106 16.21 -15.76 1.99
C ASN A 106 16.59 -16.75 3.09
N TYR A 107 15.67 -17.13 3.96
CA TYR A 107 15.97 -18.18 4.94
C TYR A 107 16.08 -19.52 4.24
N ASP A 108 16.99 -20.36 4.72
CA ASP A 108 17.12 -21.71 4.16
C ASP A 108 16.24 -22.73 4.85
N ASP A 109 15.72 -22.41 6.03
CA ASP A 109 14.99 -23.39 6.85
C ASP A 109 13.98 -22.62 7.68
N ILE A 110 12.70 -22.88 7.46
CA ILE A 110 11.63 -22.17 8.16
C ILE A 110 10.73 -23.19 8.82
N THR A 111 10.34 -22.92 10.05
CA THR A 111 9.43 -23.77 10.81
C THR A 111 8.12 -23.02 11.02
N PHE A 112 7.02 -23.61 10.55
CA PHE A 112 5.69 -23.02 10.68
C PHE A 112 4.93 -23.73 11.79
N VAL A 113 4.36 -22.96 12.71
CA VAL A 113 3.63 -23.52 13.84
C VAL A 113 2.15 -23.31 13.56
N CYS A 114 1.40 -24.41 13.52
CA CYS A 114 -0.03 -24.39 13.20
C CYS A 114 -0.85 -24.59 14.48
N GLY A 115 -1.64 -23.59 14.83
CA GLY A 115 -2.60 -23.76 15.90
C GLY A 115 -3.92 -24.31 15.40
N ARG A 116 -4.79 -24.64 16.35
CA ARG A 116 -6.18 -24.99 16.10
C ARG A 116 -7.01 -24.36 17.23
N TYR A 117 -8.33 -24.49 17.13
CA TYR A 117 -9.28 -24.04 18.18
C TYR A 117 -9.07 -22.53 18.42
N GLU A 118 -9.02 -22.08 19.69
CA GLU A 118 -8.94 -20.65 19.98
C GLU A 118 -7.58 -20.05 19.67
N GLY A 119 -6.53 -20.86 19.62
CA GLY A 119 -5.20 -20.35 19.32
C GLY A 119 -4.16 -21.06 20.17
N ILE A 120 -3.01 -20.41 20.35
CA ILE A 120 -1.83 -21.02 20.96
C ILE A 120 -1.47 -20.25 22.23
N ASP A 121 -1.19 -20.96 23.31
CA ASP A 121 -0.71 -20.34 24.54
C ASP A 121 0.38 -19.34 24.22
N ASP A 122 0.14 -18.06 24.56
CA ASP A 122 1.04 -17.04 24.03
C ASP A 122 2.42 -17.05 24.67
N ARG A 123 2.62 -17.82 25.75
CA ARG A 123 3.94 -17.89 26.36
C ARG A 123 4.94 -18.57 25.44
N VAL A 124 4.56 -19.70 24.82
CA VAL A 124 5.50 -20.39 23.93
C VAL A 124 5.71 -19.56 22.67
N ARG A 125 4.72 -18.76 22.28
CA ARG A 125 4.93 -17.82 21.18
C ARG A 125 5.99 -16.79 21.55
N GLU A 126 5.85 -16.17 22.72
CA GLU A 126 6.85 -15.20 23.16
C GLU A 126 8.22 -15.87 23.30
N LEU A 127 8.24 -17.11 23.79
CA LEU A 127 9.51 -17.80 24.04
C LEU A 127 10.21 -18.17 22.75
N MET A 128 9.47 -18.66 21.75
CA MET A 128 10.08 -19.38 20.62
C MET A 128 9.85 -18.74 19.26
N ALA A 129 8.88 -17.84 19.12
CA ALA A 129 8.61 -17.29 17.80
C ALA A 129 9.71 -16.34 17.38
N ASP A 130 10.14 -16.45 16.13
CA ASP A 130 10.91 -15.37 15.52
C ASP A 130 9.99 -14.29 14.97
N GLU A 131 8.80 -14.65 14.51
CA GLU A 131 7.82 -13.68 14.05
C GLU A 131 6.47 -14.38 13.97
N MET A 132 5.41 -13.57 13.89
CA MET A 132 4.08 -14.05 13.58
C MET A 132 3.68 -13.55 12.20
N ILE A 133 3.01 -14.40 11.44
CA ILE A 133 2.52 -14.06 10.11
C ILE A 133 1.06 -14.48 10.02
N SER A 134 0.22 -13.58 9.52
CA SER A 134 -1.17 -13.86 9.20
C SER A 134 -1.30 -14.10 7.70
N ILE A 135 -2.11 -15.10 7.33
CA ILE A 135 -2.32 -15.35 5.90
C ILE A 135 -3.23 -14.30 5.28
N GLY A 136 -3.97 -13.54 6.08
CA GLY A 136 -4.92 -12.57 5.55
C GLY A 136 -5.82 -12.05 6.65
N ASP A 137 -6.61 -11.04 6.27
CA ASP A 137 -7.48 -10.38 7.23
C ASP A 137 -8.77 -11.15 7.45
N PHE A 138 -8.63 -12.43 7.75
CA PHE A 138 -9.75 -13.31 8.00
C PHE A 138 -9.27 -14.43 8.92
N VAL A 139 -10.21 -15.28 9.35
CA VAL A 139 -9.92 -16.37 10.30
C VAL A 139 -10.26 -17.71 9.67
N ILE A 140 -9.36 -18.69 9.82
CA ILE A 140 -9.62 -20.06 9.42
C ILE A 140 -9.47 -20.97 10.64
N THR A 141 -9.91 -22.23 10.49
CA THR A 141 -10.00 -23.15 11.63
C THR A 141 -8.63 -23.62 12.12
N GLY A 142 -7.59 -23.50 11.30
CA GLY A 142 -6.28 -24.00 11.70
C GLY A 142 -5.22 -23.37 10.82
N GLY A 143 -3.99 -23.43 11.31
CA GLY A 143 -2.88 -22.85 10.57
C GLY A 143 -2.37 -23.67 9.40
N GLU A 144 -2.84 -24.91 9.26
CA GLU A 144 -2.28 -25.77 8.22
C GLU A 144 -2.38 -25.14 6.83
N LEU A 145 -3.57 -24.63 6.48
CA LEU A 145 -3.72 -24.06 5.15
C LEU A 145 -2.90 -22.78 5.00
N ALA A 146 -2.76 -22.00 6.06
CA ALA A 146 -1.88 -20.84 6.01
C ALA A 146 -0.45 -21.28 5.74
N ALA A 147 0.01 -22.36 6.39
CA ALA A 147 1.39 -22.80 6.21
C ALA A 147 1.65 -23.22 4.76
N VAL A 148 0.78 -24.07 4.20
CA VAL A 148 1.08 -24.60 2.87
C VAL A 148 0.94 -23.50 1.82
N THR A 149 0.06 -22.53 2.05
CA THR A 149 -0.08 -21.42 1.10
C THR A 149 1.18 -20.57 1.08
N ILE A 150 1.74 -20.26 2.25
CA ILE A 150 3.03 -19.55 2.30
C ILE A 150 4.14 -20.37 1.66
N ILE A 151 4.18 -21.67 1.96
CA ILE A 151 5.23 -22.51 1.34
C ILE A 151 5.10 -22.50 -0.18
N ASP A 152 3.86 -22.60 -0.68
CA ASP A 152 3.66 -22.49 -2.13
C ASP A 152 4.24 -21.19 -2.66
N ALA A 153 3.84 -20.07 -2.07
CA ALA A 153 4.23 -18.75 -2.58
C ALA A 153 5.74 -18.55 -2.53
N VAL A 154 6.39 -19.07 -1.49
CA VAL A 154 7.84 -18.95 -1.36
C VAL A 154 8.56 -19.93 -2.28
N ALA A 155 8.19 -21.22 -2.24
CA ALA A 155 8.93 -22.23 -2.99
C ALA A 155 8.84 -22.02 -4.50
N ARG A 156 7.79 -21.37 -4.99
CA ARG A 156 7.71 -21.19 -6.43
C ARG A 156 8.69 -20.13 -6.92
N LEU A 157 9.38 -19.45 -6.00
CA LEU A 157 10.46 -18.54 -6.36
C LEU A 157 11.82 -19.22 -6.46
N ILE A 158 11.93 -20.48 -6.09
CA ILE A 158 13.19 -21.21 -6.19
C ILE A 158 13.52 -21.40 -7.68
N PRO A 159 14.68 -20.95 -8.14
CA PRO A 159 15.04 -21.15 -9.55
C PRO A 159 14.90 -22.61 -9.96
N GLY A 160 14.28 -22.83 -11.11
CA GLY A 160 14.07 -24.17 -11.60
C GLY A 160 12.81 -24.86 -11.13
N VAL A 161 12.12 -24.34 -10.13
CA VAL A 161 10.86 -24.98 -9.73
C VAL A 161 9.81 -24.77 -10.81
N LEU A 162 9.65 -23.54 -11.27
CA LEU A 162 8.80 -23.25 -12.41
C LEU A 162 9.66 -23.20 -13.66
N GLY A 163 9.00 -23.12 -14.80
CA GLY A 163 9.72 -22.92 -16.05
C GLY A 163 8.91 -22.10 -17.04
N ASP A 164 8.83 -22.61 -18.27
CA ASP A 164 8.19 -21.89 -19.37
C ASP A 164 6.71 -21.65 -19.09
N GLU A 165 6.03 -22.62 -18.45
CA GLU A 165 4.57 -22.55 -18.31
C GLU A 165 4.12 -21.30 -17.57
N ASN A 166 4.99 -20.71 -16.73
CA ASN A 166 4.62 -19.56 -15.91
C ASN A 166 5.83 -19.04 -15.15
N SER A 167 6.36 -17.86 -15.57
CA SER A 167 7.56 -17.30 -14.95
C SER A 167 7.20 -16.47 -13.72
N PRO A 168 8.02 -16.57 -12.66
CA PRO A 168 7.73 -15.78 -11.44
C PRO A 168 8.21 -14.34 -11.50
N ASN A 169 8.91 -13.90 -12.55
CA ASN A 169 9.47 -12.56 -12.57
C ASN A 169 8.48 -11.51 -13.02
N GLU A 170 7.48 -11.90 -13.80
CA GLU A 170 6.45 -10.97 -14.27
C GLU A 170 5.10 -11.59 -13.95
N GLU A 171 4.47 -11.06 -12.91
CA GLU A 171 3.28 -11.62 -12.26
C GLU A 171 2.64 -10.49 -11.47
N SER A 172 1.34 -10.62 -11.20
CA SER A 172 0.68 -9.73 -10.26
C SER A 172 1.48 -9.62 -8.96
N PHE A 173 1.49 -8.44 -8.36
CA PHE A 173 2.11 -8.14 -7.07
C PHE A 173 3.63 -8.15 -7.14
N THR A 174 4.23 -9.19 -7.73
CA THR A 174 5.68 -9.18 -7.92
C THR A 174 6.13 -7.89 -8.62
N THR A 175 5.36 -7.43 -9.61
CA THR A 175 5.61 -6.20 -10.34
C THR A 175 5.08 -4.95 -9.66
N GLY A 176 4.34 -5.08 -8.57
CA GLY A 176 3.67 -3.93 -8.01
C GLY A 176 2.37 -3.58 -8.69
N LEU A 177 1.94 -4.37 -9.67
CA LEU A 177 0.74 -4.12 -10.44
C LEU A 177 -0.07 -5.41 -10.51
N LEU A 178 -1.30 -5.29 -11.00
CA LEU A 178 -2.10 -6.45 -11.36
C LEU A 178 -1.82 -6.80 -12.82
N GLU A 179 -1.73 -8.09 -13.12
CA GLU A 179 -1.34 -8.52 -14.45
C GLU A 179 -2.47 -8.29 -15.46
N TYR A 180 -2.06 -8.19 -16.74
CA TYR A 180 -2.97 -8.12 -17.88
C TYR A 180 -3.72 -9.44 -18.07
N PRO A 181 -4.75 -9.46 -18.91
CA PRO A 181 -5.48 -10.72 -19.19
C PRO A 181 -4.70 -11.64 -20.12
N HIS A 182 -5.01 -12.94 -20.04
CA HIS A 182 -4.39 -13.96 -20.88
C HIS A 182 -5.44 -14.70 -21.71
N PHE A 183 -5.01 -15.22 -22.87
CA PHE A 183 -5.90 -15.91 -23.79
C PHE A 183 -5.14 -17.05 -24.45
N THR A 184 -5.88 -18.10 -24.82
CA THR A 184 -5.34 -19.19 -25.61
C THR A 184 -6.37 -19.59 -26.65
N ARG A 185 -6.07 -20.65 -27.41
CA ARG A 185 -6.94 -21.06 -28.49
C ARG A 185 -8.30 -21.48 -27.92
N PRO A 186 -9.40 -21.28 -28.69
CA PRO A 186 -9.38 -20.79 -30.07
C PRO A 186 -9.42 -19.26 -30.18
N ALA A 187 -9.18 -18.77 -31.40
CA ALA A 187 -9.17 -17.34 -31.66
C ALA A 187 -10.52 -16.69 -31.31
N GLU A 188 -11.61 -17.42 -31.49
CA GLU A 188 -12.94 -16.91 -31.19
C GLU A 188 -13.67 -17.98 -30.39
N PHE A 189 -14.21 -17.59 -29.23
CA PHE A 189 -14.96 -18.52 -28.39
C PHE A 189 -16.32 -17.90 -28.09
N MET A 190 -17.38 -18.51 -28.62
CA MET A 190 -18.74 -18.02 -28.42
C MET A 190 -18.84 -16.54 -28.77
N GLY A 191 -18.28 -16.19 -29.94
CA GLY A 191 -18.29 -14.84 -30.44
C GLY A 191 -17.26 -13.93 -29.83
N LYS A 192 -16.60 -14.36 -28.77
CA LYS A 192 -15.64 -13.51 -28.06
C LYS A 192 -14.26 -13.74 -28.67
N LYS A 193 -13.72 -12.70 -29.29
CA LYS A 193 -12.48 -12.81 -30.04
C LYS A 193 -11.31 -12.46 -29.13
N VAL A 194 -10.23 -13.22 -29.24
CA VAL A 194 -8.99 -12.81 -28.59
C VAL A 194 -8.59 -11.43 -29.15
N PRO A 195 -8.16 -10.48 -28.31
CA PRO A 195 -7.67 -9.19 -28.84
C PRO A 195 -6.72 -9.38 -30.02
N GLU A 196 -7.01 -8.70 -31.13
CA GLU A 196 -6.31 -9.00 -32.38
C GLU A 196 -4.82 -8.70 -32.28
N VAL A 197 -4.44 -7.71 -31.49
CA VAL A 197 -3.03 -7.38 -31.33
C VAL A 197 -2.24 -8.59 -30.81
N LEU A 198 -2.86 -9.44 -30.00
CA LEU A 198 -2.18 -10.64 -29.50
C LEU A 198 -2.05 -11.71 -30.57
N ILE A 199 -2.88 -11.67 -31.60
CA ILE A 199 -2.81 -12.65 -32.68
C ILE A 199 -1.83 -12.23 -33.76
N SER A 200 -1.94 -10.99 -34.24
CA SER A 200 -1.20 -10.57 -35.41
C SER A 200 -0.32 -9.36 -35.17
N GLY A 201 -0.22 -8.88 -33.92
CA GLY A 201 0.59 -7.71 -33.66
C GLY A 201 2.07 -8.03 -33.49
N ASN A 202 2.90 -7.00 -33.57
CA ASN A 202 4.32 -7.23 -33.36
C ASN A 202 4.64 -7.18 -31.87
N HIS A 203 5.90 -7.46 -31.53
CA HIS A 203 6.27 -7.60 -30.13
C HIS A 203 5.96 -6.33 -29.35
N GLU A 204 6.27 -5.17 -29.93
CA GLU A 204 6.09 -3.90 -29.22
C GLU A 204 4.62 -3.58 -29.05
N GLU A 205 3.81 -3.82 -30.07
CA GLU A 205 2.36 -3.63 -29.93
C GLU A 205 1.81 -4.48 -28.81
N ILE A 206 2.27 -5.73 -28.71
CA ILE A 206 1.79 -6.64 -27.66
C ILE A 206 2.20 -6.12 -26.29
N ARG A 207 3.47 -5.74 -26.14
CA ARG A 207 3.96 -5.22 -24.86
C ARG A 207 3.15 -4.01 -24.43
N ARG A 208 2.94 -3.07 -25.36
CA ARG A 208 2.18 -1.86 -25.03
C ARG A 208 0.76 -2.19 -24.63
N TRP A 209 0.12 -3.11 -25.35
CA TRP A 209 -1.23 -3.52 -24.98
C TRP A 209 -1.25 -4.14 -23.58
N ARG A 210 -0.30 -5.02 -23.29
CA ARG A 210 -0.27 -5.67 -21.98
C ARG A 210 -0.01 -4.68 -20.87
N LEU A 211 0.95 -3.76 -21.08
CA LEU A 211 1.24 -2.78 -20.04
C LEU A 211 0.03 -1.90 -19.78
N THR A 212 -0.65 -1.45 -20.84
CA THR A 212 -1.83 -0.61 -20.70
C THR A 212 -2.93 -1.31 -19.92
N GLU A 213 -3.21 -2.58 -20.24
CA GLU A 213 -4.27 -3.30 -19.57
C GLU A 213 -3.92 -3.56 -18.12
N SER A 214 -2.64 -3.83 -17.84
CA SER A 214 -2.22 -4.04 -16.46
C SER A 214 -2.42 -2.79 -15.62
N ILE A 215 -1.96 -1.64 -16.12
CA ILE A 215 -2.14 -0.38 -15.41
C ILE A 215 -3.61 -0.09 -15.23
N LYS A 216 -4.40 -0.33 -16.27
CA LYS A 216 -5.84 -0.09 -16.20
C LYS A 216 -6.52 -1.01 -15.18
N THR A 217 -6.22 -2.32 -15.23
CA THR A 217 -6.79 -3.23 -14.23
C THR A 217 -6.37 -2.83 -12.82
N THR A 218 -5.11 -2.42 -12.65
CA THR A 218 -4.64 -2.00 -11.33
C THR A 218 -5.36 -0.73 -10.87
N LEU A 219 -5.43 0.27 -11.74
CA LEU A 219 -6.13 1.51 -11.39
C LEU A 219 -7.58 1.23 -11.02
N GLN A 220 -8.24 0.36 -11.77
CA GLN A 220 -9.68 0.15 -11.55
C GLN A 220 -9.95 -0.73 -10.33
N ASN A 221 -9.17 -1.79 -10.12
CA ASN A 221 -9.45 -2.76 -9.06
C ASN A 221 -8.69 -2.45 -7.77
N ARG A 222 -7.45 -1.96 -7.88
CA ARG A 222 -6.59 -1.77 -6.72
C ARG A 222 -5.84 -0.44 -6.82
N PRO A 223 -6.57 0.68 -6.78
CA PRO A 223 -5.87 1.99 -6.89
C PRO A 223 -4.83 2.18 -5.80
N ASP A 224 -4.99 1.51 -4.66
CA ASP A 224 -4.00 1.57 -3.60
C ASP A 224 -2.63 1.10 -4.07
N MET A 225 -2.60 0.12 -5.00
CA MET A 225 -1.30 -0.33 -5.51
C MET A 225 -0.64 0.72 -6.39
N ILE A 226 -1.41 1.53 -7.12
CA ILE A 226 -0.80 2.61 -7.89
C ILE A 226 0.04 3.50 -6.98
N LEU A 227 -0.50 3.83 -5.80
CA LEU A 227 0.20 4.74 -4.89
C LEU A 227 1.52 4.18 -4.38
N ARG A 228 1.63 2.85 -4.33
N ARG A 228 1.65 2.85 -4.32
CA ARG A 228 2.84 2.19 -3.86
CA ARG A 228 2.90 2.26 -3.87
C ARG A 228 3.78 1.79 -4.99
C ARG A 228 3.82 1.85 -5.00
N LYS A 229 3.35 1.94 -6.24
CA LYS A 229 4.16 1.57 -7.39
C LYS A 229 5.03 2.75 -7.82
N SER A 230 6.33 2.49 -8.02
CA SER A 230 7.23 3.46 -8.64
C SER A 230 7.09 3.31 -10.15
N LEU A 231 6.24 4.14 -10.74
CA LEU A 231 5.95 4.00 -12.15
C LEU A 231 7.11 4.51 -13.00
N SER A 232 7.40 3.78 -14.09
CA SER A 232 8.33 4.32 -15.07
C SER A 232 7.68 5.50 -15.78
N ARG A 233 8.49 6.23 -16.56
CA ARG A 233 7.94 7.34 -17.32
C ARG A 233 6.90 6.86 -18.32
N GLU A 234 7.16 5.73 -18.96
CA GLU A 234 6.17 5.16 -19.86
C GLU A 234 4.89 4.77 -19.12
N GLU A 235 5.02 4.14 -17.94
CA GLU A 235 3.83 3.72 -17.22
C GLU A 235 3.04 4.93 -16.73
N GLU A 236 3.74 5.99 -16.32
CA GLU A 236 3.06 7.20 -15.87
C GLU A 236 2.23 7.82 -17.00
N GLN A 237 2.80 7.90 -18.20
N GLN A 237 2.81 7.90 -18.20
CA GLN A 237 2.07 8.49 -19.31
CA GLN A 237 2.09 8.46 -19.33
C GLN A 237 0.83 7.66 -19.65
C GLN A 237 0.85 7.66 -19.65
N ILE A 238 0.93 6.33 -19.57
CA ILE A 238 -0.25 5.49 -19.74
C ILE A 238 -1.27 5.80 -18.66
N LEU A 239 -0.81 5.94 -17.41
CA LEU A 239 -1.75 6.23 -16.32
C LEU A 239 -2.46 7.55 -16.55
N TRP A 240 -1.73 8.60 -16.93
CA TRP A 240 -2.34 9.91 -17.14
C TRP A 240 -3.42 9.83 -18.20
N SER A 241 -3.18 9.03 -19.25
CA SER A 241 -4.18 8.91 -20.30
C SER A 241 -5.43 8.22 -19.80
N LEU A 242 -5.31 7.42 -18.74
CA LEU A 242 -6.46 6.72 -18.16
C LEU A 242 -7.22 7.59 -17.17
N THR A 243 -6.53 8.48 -16.46
CA THR A 243 -7.21 9.33 -15.51
C THR A 243 -7.69 10.64 -16.11
N ARG A 244 -7.29 10.96 -17.34
CA ARG A 244 -7.64 12.23 -17.96
C ARG A 244 -9.15 12.34 -18.12
N GLY A 245 -9.71 13.46 -17.68
CA GLY A 245 -11.13 13.69 -17.77
C GLY A 245 -11.95 13.16 -16.62
N VAL A 246 -11.37 12.34 -15.74
CA VAL A 246 -12.12 11.85 -14.58
C VAL A 246 -12.50 13.04 -13.70
N GLN A 247 -13.80 13.19 -13.43
CA GLN A 247 -14.29 14.29 -12.63
C GLN A 247 -14.29 13.89 -11.16
N ARG A 248 -13.81 14.79 -10.31
CA ARG A 248 -13.87 14.60 -8.86
C ARG A 248 -15.05 15.39 -8.30
N LYS A 249 -15.33 15.16 -7.01
CA LYS A 249 -16.41 15.90 -6.37
C LYS A 249 -16.07 17.38 -6.22
N TYR A 250 -14.80 17.74 -6.33
CA TYR A 250 -14.35 19.10 -6.08
C TYR A 250 -13.65 19.63 -7.32
N ASN A 251 -13.95 20.89 -7.63
CA ASN A 251 -13.37 21.60 -8.77
C ASN A 251 -12.66 22.84 -8.21
N ILE A 252 -11.35 22.75 -8.09
CA ILE A 252 -10.51 23.80 -7.53
C ILE A 252 -9.68 24.40 -8.65
N TYR A 253 -9.59 25.73 -8.65
CA TYR A 253 -8.72 26.47 -9.57
C TYR A 253 -7.77 27.32 -8.77
N VAL A 254 -6.61 27.58 -9.34
CA VAL A 254 -5.58 28.42 -8.73
C VAL A 254 -5.22 29.52 -9.71
N ALA A 255 -5.18 30.75 -9.22
CA ALA A 255 -4.71 31.87 -10.04
C ALA A 255 -3.58 32.58 -9.32
N LEU A 256 -2.51 32.85 -10.05
CA LEU A 256 -1.37 33.62 -9.55
C LEU A 256 -1.45 35.00 -10.20
N MET A 257 -1.74 36.01 -9.41
CA MET A 257 -2.00 37.34 -9.95
C MET A 257 -0.79 38.24 -9.75
N HIS A 258 -0.61 39.16 -10.70
CA HIS A 258 0.50 40.09 -10.70
C HIS A 258 0.06 41.54 -10.65
N TYR A 259 -1.26 41.79 -10.60
CA TYR A 259 -1.85 43.11 -10.43
C TYR A 259 -3.20 42.89 -9.77
N PRO A 260 -3.63 43.78 -8.85
CA PRO A 260 -2.87 44.86 -8.24
C PRO A 260 -2.18 44.42 -6.95
N MET A 261 -0.86 44.60 -6.89
CA MET A 261 -0.06 44.19 -5.77
C MET A 261 0.46 45.41 -5.02
N ARG A 262 0.92 45.19 -3.79
CA ARG A 262 1.53 46.25 -3.01
C ARG A 262 3.04 46.29 -3.27
N ASP A 263 3.61 47.48 -3.12
CA ASP A 263 5.06 47.64 -3.03
C ASP A 263 5.44 47.69 -1.55
N LYS A 264 6.67 48.10 -1.26
CA LYS A 264 7.11 48.20 0.12
C LYS A 264 6.32 49.24 0.89
N GLU A 265 5.82 50.27 0.21
CA GLU A 265 5.09 51.36 0.85
C GLU A 265 3.57 51.22 0.73
N GLY A 266 3.07 50.14 0.11
CA GLY A 266 1.65 49.96 -0.05
C GLY A 266 1.05 50.55 -1.31
N LYS A 267 1.87 51.15 -2.18
CA LYS A 267 1.36 51.64 -3.46
C LYS A 267 1.08 50.47 -4.40
N VAL A 268 0.22 50.72 -5.38
CA VAL A 268 -0.23 49.67 -6.29
C VAL A 268 0.81 49.46 -7.37
N VAL A 269 1.14 48.20 -7.64
CA VAL A 269 2.17 47.87 -8.63
C VAL A 269 1.74 46.64 -9.40
N THR A 270 2.32 46.51 -10.59
CA THR A 270 2.24 45.31 -11.40
C THR A 270 3.60 44.63 -11.33
N THR A 271 3.61 43.32 -11.11
CA THR A 271 4.86 42.59 -11.01
C THR A 271 5.16 41.85 -12.31
N SER A 272 6.43 41.50 -12.50
CA SER A 272 6.81 40.63 -13.60
C SER A 272 6.61 39.16 -13.22
N ILE A 273 6.42 38.33 -14.25
CA ILE A 273 6.19 36.90 -14.03
C ILE A 273 7.51 36.21 -13.74
N THR A 274 7.61 35.56 -12.58
CA THR A 274 8.84 34.84 -12.23
C THR A 274 8.82 33.44 -12.85
N ASN A 275 9.87 33.10 -13.59
CA ASN A 275 9.89 31.84 -14.33
C ASN A 275 9.59 30.64 -13.43
N MET A 276 10.17 30.60 -12.23
CA MET A 276 9.94 29.44 -11.39
C MET A 276 8.51 29.35 -10.87
N ASP A 277 7.77 30.47 -10.83
CA ASP A 277 6.36 30.38 -10.43
C ASP A 277 5.57 29.59 -11.46
N LEU A 278 5.95 29.67 -12.72
CA LEU A 278 5.32 28.83 -13.74
C LEU A 278 5.63 27.35 -13.49
N HIS A 279 6.90 27.03 -13.28
CA HIS A 279 7.30 25.64 -13.11
C HIS A 279 6.75 25.05 -11.81
N ASP A 280 7.03 25.72 -10.70
N ASP A 280 7.06 25.68 -10.67
CA ASP A 280 6.76 25.14 -9.40
CA ASP A 280 6.74 25.06 -9.39
C ASP A 280 5.27 24.97 -9.17
C ASP A 280 5.24 24.95 -9.17
N ILE A 281 4.50 26.04 -9.40
CA ILE A 281 3.07 26.03 -9.11
C ILE A 281 2.32 25.15 -10.09
N SER A 282 2.74 25.08 -11.36
CA SER A 282 2.06 24.15 -12.26
C SER A 282 2.22 22.72 -11.75
N ARG A 283 3.36 22.38 -11.15
CA ARG A 283 3.53 20.99 -10.71
C ARG A 283 2.77 20.70 -9.41
N SER A 284 2.71 21.67 -8.49
N SER A 284 2.65 21.67 -8.51
CA SER A 284 1.87 21.50 -7.31
CA SER A 284 1.87 21.45 -7.30
C SER A 284 0.41 21.34 -7.70
C SER A 284 0.37 21.40 -7.62
N CYS A 285 -0.08 22.23 -8.57
CA CYS A 285 -1.48 22.18 -9.00
C CYS A 285 -1.81 20.83 -9.63
N ARG A 286 -0.91 20.30 -10.46
CA ARG A 286 -1.18 19.01 -11.09
C ARG A 286 -1.16 17.88 -10.07
N THR A 287 -0.22 17.93 -9.13
CA THR A 287 -0.14 16.91 -8.07
C THR A 287 -1.44 16.82 -7.28
N PHE A 288 -2.13 17.94 -7.10
CA PHE A 288 -3.31 17.98 -6.25
C PHE A 288 -4.60 18.06 -7.05
N GLY A 289 -4.54 17.76 -8.35
CA GLY A 289 -5.73 17.70 -9.18
C GLY A 289 -6.42 19.02 -9.43
N VAL A 290 -5.70 20.14 -9.33
CA VAL A 290 -6.28 21.42 -9.64
C VAL A 290 -6.68 21.43 -11.12
N LYS A 291 -7.88 21.96 -11.41
CA LYS A 291 -8.40 21.82 -12.76
C LYS A 291 -7.66 22.72 -13.76
N ASN A 292 -7.27 23.93 -13.35
CA ASN A 292 -6.44 24.81 -14.16
C ASN A 292 -5.67 25.75 -13.24
N TYR A 293 -4.45 26.06 -13.66
CA TYR A 293 -3.58 27.06 -13.04
C TYR A 293 -3.56 28.28 -13.95
N PHE A 294 -4.16 29.39 -13.48
CA PHE A 294 -4.18 30.64 -14.24
C PHE A 294 -3.01 31.52 -13.83
N VAL A 295 -2.27 32.03 -14.81
CA VAL A 295 -1.19 32.97 -14.60
C VAL A 295 -1.68 34.30 -15.15
N VAL A 296 -1.90 35.27 -14.26
CA VAL A 296 -2.64 36.49 -14.61
C VAL A 296 -1.69 37.67 -14.59
N ASN A 297 -1.54 38.34 -15.74
CA ASN A 297 -0.68 39.48 -15.80
C ASN A 297 -1.24 40.42 -16.85
N PRO A 298 -1.48 41.68 -16.50
CA PRO A 298 -2.09 42.62 -17.45
C PRO A 298 -1.17 43.11 -18.55
N MET A 299 0.14 42.84 -18.48
CA MET A 299 1.08 43.38 -19.44
CA MET A 299 1.07 43.39 -19.45
C MET A 299 1.25 42.43 -20.60
N PRO A 300 0.98 42.81 -21.84
CA PRO A 300 1.11 41.89 -22.97
C PRO A 300 2.48 41.21 -23.06
N ALA A 301 3.56 41.95 -22.81
CA ALA A 301 4.88 41.37 -22.98
C ALA A 301 5.17 40.33 -21.91
N GLN A 302 4.61 40.48 -20.71
CA GLN A 302 4.77 39.44 -19.70
C GLN A 302 4.06 38.17 -20.12
N ARG A 303 2.86 38.29 -20.69
CA ARG A 303 2.12 37.11 -21.11
C ARG A 303 2.81 36.42 -22.27
N GLU A 304 3.39 37.19 -23.19
CA GLU A 304 4.10 36.59 -24.32
C GLU A 304 5.28 35.76 -23.83
N ILE A 305 6.03 36.28 -22.85
CA ILE A 305 7.15 35.54 -22.27
C ILE A 305 6.66 34.24 -21.63
N ALA A 306 5.61 34.34 -20.81
CA ALA A 306 5.11 33.16 -20.11
C ALA A 306 4.53 32.15 -21.10
N SER A 307 3.82 32.62 -22.13
CA SER A 307 3.26 31.69 -23.10
C SER A 307 4.35 30.96 -23.86
N ARG A 308 5.47 31.62 -24.13
CA ARG A 308 6.57 30.96 -24.82
C ARG A 308 7.12 29.81 -23.98
N VAL A 309 7.29 30.05 -22.67
CA VAL A 309 7.72 28.98 -21.76
C VAL A 309 6.76 27.79 -21.84
N VAL A 310 5.46 28.04 -21.63
CA VAL A 310 4.49 26.95 -21.66
C VAL A 310 4.57 26.19 -22.98
N ARG A 311 4.66 26.92 -24.10
N ARG A 311 4.64 26.93 -24.11
CA ARG A 311 4.71 26.26 -25.41
CA ARG A 311 4.72 26.29 -25.42
C ARG A 311 5.95 25.40 -25.56
C ARG A 311 5.94 25.38 -25.52
N HIS A 312 7.09 25.85 -25.02
CA HIS A 312 8.32 25.07 -25.10
C HIS A 312 8.12 23.70 -24.48
N TRP A 313 7.44 23.64 -23.34
CA TRP A 313 7.23 22.37 -22.65
C TRP A 313 6.04 21.59 -23.18
N ILE A 314 5.09 22.24 -23.84
CA ILE A 314 3.89 21.56 -24.35
C ILE A 314 4.10 21.08 -25.78
N LYS A 315 4.65 21.93 -26.63
CA LYS A 315 4.80 21.63 -28.05
C LYS A 315 6.24 21.62 -28.53
N GLY A 316 7.15 22.30 -27.84
CA GLY A 316 8.55 22.33 -28.20
C GLY A 316 9.29 21.14 -27.60
N TYR A 317 10.63 21.26 -27.59
CA TYR A 317 11.44 20.13 -27.18
C TYR A 317 11.31 19.82 -25.70
N GLY A 318 10.94 20.79 -24.87
CA GLY A 318 10.67 20.51 -23.47
C GLY A 318 9.70 19.36 -23.26
N ALA A 319 8.72 19.20 -24.16
CA ALA A 319 7.75 18.12 -24.05
C ALA A 319 8.43 16.75 -24.05
N THR A 320 9.50 16.60 -24.83
CA THR A 320 10.31 15.37 -24.81
C THR A 320 11.35 15.39 -23.69
N TYR A 321 11.90 16.58 -23.39
CA TYR A 321 12.96 16.70 -22.40
C TYR A 321 12.48 16.28 -21.01
N ASN A 322 11.29 16.71 -20.63
CA ASN A 322 10.75 16.34 -19.31
C ASN A 322 9.24 16.20 -19.46
N GLU A 323 8.79 14.95 -19.58
CA GLU A 323 7.38 14.70 -19.85
C GLU A 323 6.51 15.15 -18.70
N ASN A 324 6.99 15.01 -17.45
CA ASN A 324 6.08 15.40 -16.38
C ASN A 324 5.95 16.91 -16.29
N ARG A 325 6.93 17.69 -16.76
CA ARG A 325 6.72 19.14 -16.83
C ARG A 325 5.71 19.50 -17.91
N LYS A 326 5.76 18.81 -19.05
CA LYS A 326 4.72 18.95 -20.06
C LYS A 326 3.35 18.66 -19.46
N GLU A 327 3.18 17.47 -18.87
CA GLU A 327 1.90 17.09 -18.28
C GLU A 327 1.36 18.18 -17.38
N ALA A 328 2.21 18.75 -16.52
CA ALA A 328 1.73 19.78 -15.62
C ALA A 328 1.35 21.07 -16.36
N PHE A 329 2.16 21.47 -17.36
CA PHE A 329 1.83 22.70 -18.10
C PHE A 329 0.60 22.54 -18.99
N GLU A 330 0.14 21.32 -19.24
CA GLU A 330 -1.07 21.11 -20.03
C GLU A 330 -2.29 21.79 -19.42
N TYR A 331 -2.24 22.10 -18.12
CA TYR A 331 -3.36 22.69 -17.39
C TYR A 331 -3.11 24.14 -17.04
N THR A 332 -2.04 24.73 -17.55
CA THR A 332 -1.68 26.11 -17.24
C THR A 332 -2.20 27.03 -18.33
N ILE A 333 -2.75 28.17 -17.92
CA ILE A 333 -3.38 29.13 -18.82
C ILE A 333 -2.82 30.51 -18.50
N ILE A 334 -2.27 31.17 -19.52
CA ILE A 334 -1.79 32.55 -19.37
C ILE A 334 -2.92 33.48 -19.79
N THR A 335 -3.26 34.44 -18.93
CA THR A 335 -4.37 35.34 -19.25
C THR A 335 -4.09 36.70 -18.62
N ASP A 336 -5.00 37.66 -18.86
CA ASP A 336 -4.69 39.05 -18.56
C ASP A 336 -5.34 39.59 -17.29
N SER A 337 -6.48 39.06 -16.86
CA SER A 337 -7.22 39.69 -15.76
C SER A 337 -7.98 38.65 -14.96
N LEU A 338 -8.33 39.01 -13.72
CA LEU A 338 -9.20 38.16 -12.91
C LEU A 338 -10.56 37.99 -13.58
N ALA A 339 -11.08 39.05 -14.20
CA ALA A 339 -12.34 38.92 -14.94
C ALA A 339 -12.24 37.81 -15.98
N SER A 340 -11.10 37.73 -16.68
CA SER A 340 -10.92 36.68 -17.68
C SER A 340 -10.90 35.30 -17.03
N VAL A 341 -10.24 35.20 -15.86
CA VAL A 341 -10.23 33.95 -15.12
C VAL A 341 -11.65 33.51 -14.76
N ILE A 342 -12.45 34.44 -14.24
CA ILE A 342 -13.81 34.10 -13.81
C ILE A 342 -14.65 33.66 -15.01
N LYS A 343 -14.57 34.40 -16.12
CA LYS A 343 -15.35 34.04 -17.30
C LYS A 343 -14.90 32.69 -17.85
N SER A 344 -13.60 32.41 -17.81
CA SER A 344 -13.13 31.10 -18.24
C SER A 344 -13.70 29.99 -17.35
N ILE A 345 -13.66 30.19 -16.03
CA ILE A 345 -14.19 29.18 -15.11
C ILE A 345 -15.69 29.02 -15.30
N GLU A 346 -16.39 30.15 -15.53
CA GLU A 346 -17.83 30.07 -15.77
C GLU A 346 -18.13 29.25 -17.02
N GLU A 347 -17.29 29.38 -18.06
CA GLU A 347 -17.48 28.59 -19.26
C GLU A 347 -17.25 27.10 -18.98
N LYS A 348 -16.25 26.80 -18.16
CA LYS A 348 -15.87 25.40 -17.93
C LYS A 348 -16.80 24.70 -16.96
N GLU A 349 -17.35 25.42 -15.98
CA GLU A 349 -18.12 24.82 -14.90
C GLU A 349 -19.61 25.10 -14.96
N SER A 350 -20.05 25.99 -15.85
CA SER A 350 -21.45 26.41 -15.90
C SER A 350 -21.91 26.90 -14.52
N GLY A 351 -21.06 27.73 -13.92
CA GLY A 351 -21.32 28.28 -12.59
C GLY A 351 -20.21 29.20 -12.17
N SER A 352 -20.52 30.22 -11.37
CA SER A 352 -19.46 31.15 -10.98
C SER A 352 -18.69 30.59 -9.80
N PRO A 353 -17.36 30.77 -9.77
CA PRO A 353 -16.59 30.26 -8.63
C PRO A 353 -16.83 31.08 -7.38
N ILE A 354 -16.69 30.42 -6.24
CA ILE A 354 -16.44 31.12 -4.98
C ILE A 354 -14.98 31.54 -4.98
N ILE A 355 -14.72 32.82 -4.74
CA ILE A 355 -13.39 33.38 -4.88
C ILE A 355 -12.78 33.55 -3.50
N ILE A 356 -11.61 32.96 -3.30
CA ILE A 356 -10.96 32.91 -1.99
C ILE A 356 -9.55 33.45 -2.14
N ALA A 357 -9.26 34.55 -1.47
CA ALA A 357 -7.92 35.15 -1.55
C ALA A 357 -7.06 34.66 -0.40
N THR A 358 -5.74 34.87 -0.55
CA THR A 358 -4.75 34.40 0.40
C THR A 358 -3.82 35.53 0.80
N THR A 359 -3.32 35.46 2.04
CA THR A 359 -2.42 36.49 2.55
C THR A 359 -1.73 35.98 3.81
N ALA A 360 -0.49 36.43 4.00
CA ALA A 360 0.22 36.18 5.25
C ALA A 360 -0.30 37.02 6.40
N ARG A 361 -1.09 38.07 6.12
CA ARG A 361 -1.58 39.03 7.10
C ARG A 361 -2.93 38.60 7.69
N TYR A 362 -3.19 39.06 8.91
CA TYR A 362 -4.50 38.87 9.52
C TYR A 362 -5.57 39.65 8.77
N GLN A 363 -6.71 38.99 8.53
CA GLN A 363 -7.91 39.62 7.98
C GLN A 363 -9.09 39.24 8.86
N GLN A 364 -10.00 40.19 9.07
CA GLN A 364 -11.20 39.88 9.85
C GLN A 364 -12.06 38.89 9.08
N LYS A 365 -12.67 37.95 9.82
CA LYS A 365 -13.57 36.94 9.26
C LYS A 365 -12.88 35.96 8.31
N ALA A 366 -11.55 35.89 8.35
CA ALA A 366 -10.84 34.90 7.55
C ALA A 366 -11.23 33.49 7.98
N ILE A 367 -11.25 32.56 7.03
CA ILE A 367 -11.77 31.21 7.24
C ILE A 367 -10.62 30.21 7.26
N SER A 368 -10.90 29.03 7.83
CA SER A 368 -9.96 27.93 7.71
C SER A 368 -10.33 27.07 6.50
N ILE A 369 -9.46 26.11 6.17
CA ILE A 369 -9.74 25.31 4.97
C ILE A 369 -10.89 24.34 5.18
N GLU A 370 -11.25 24.05 6.43
CA GLU A 370 -12.40 23.18 6.69
C GLU A 370 -13.68 23.79 6.13
N LYS A 371 -13.77 25.11 6.09
CA LYS A 371 -14.92 25.78 5.48
C LYS A 371 -15.05 25.42 4.00
N LEU A 372 -13.95 25.07 3.33
CA LEU A 372 -13.98 24.91 1.88
C LEU A 372 -14.84 23.72 1.46
N LYS A 373 -14.72 22.57 2.13
CA LYS A 373 -15.54 21.44 1.71
C LYS A 373 -17.00 21.65 2.06
N GLU A 374 -17.27 22.50 3.03
CA GLU A 374 -18.64 22.92 3.32
C GLU A 374 -19.28 23.56 2.10
N ILE A 375 -18.49 24.26 1.29
CA ILE A 375 -19.00 25.04 0.16
C ILE A 375 -18.47 24.54 -1.17
N ALA A 376 -17.89 23.34 -1.20
CA ALA A 376 -17.21 22.87 -2.40
C ALA A 376 -18.16 22.22 -3.41
N ASP A 377 -19.48 22.37 -3.23
CA ASP A 377 -20.42 22.00 -4.27
C ASP A 377 -20.41 22.95 -5.46
N ARG A 378 -19.74 24.10 -5.32
CA ARG A 378 -19.49 25.07 -6.38
C ARG A 378 -18.01 25.10 -6.71
N PRO A 379 -17.62 25.64 -7.87
CA PRO A 379 -16.20 25.78 -8.18
C PRO A 379 -15.53 26.73 -7.20
N ILE A 380 -14.29 26.43 -6.86
CA ILE A 380 -13.51 27.25 -5.94
C ILE A 380 -12.31 27.78 -6.71
N LEU A 381 -12.09 29.10 -6.61
CA LEU A 381 -10.92 29.76 -7.19
C LEU A 381 -10.09 30.34 -6.07
N LEU A 382 -8.87 29.80 -5.89
CA LEU A 382 -7.91 30.34 -4.93
C LEU A 382 -7.03 31.38 -5.61
N LEU A 383 -6.95 32.57 -5.00
CA LEU A 383 -6.10 33.64 -5.52
C LEU A 383 -4.82 33.74 -4.71
N PHE A 384 -3.68 33.77 -5.40
CA PHE A 384 -2.38 33.97 -4.82
C PHE A 384 -1.74 35.22 -5.42
N GLY A 385 -0.98 35.96 -4.60
CA GLY A 385 -0.39 37.20 -5.02
C GLY A 385 1.12 37.11 -5.24
N THR A 386 1.67 38.22 -5.72
CA THR A 386 3.10 38.37 -5.94
C THR A 386 3.56 39.69 -5.33
N GLY A 387 4.84 39.98 -5.48
CA GLY A 387 5.39 41.19 -4.87
C GLY A 387 5.21 41.12 -3.37
N TRP A 388 4.71 42.22 -2.79
CA TRP A 388 4.38 42.25 -1.38
C TRP A 388 2.93 41.86 -1.09
N GLY A 389 2.24 41.28 -2.07
CA GLY A 389 0.93 40.69 -1.84
C GLY A 389 -0.20 41.59 -2.30
N PHE A 390 -1.41 41.06 -2.16
CA PHE A 390 -2.61 41.74 -2.64
C PHE A 390 -2.83 43.08 -1.95
N VAL A 391 -3.26 44.08 -2.72
CA VAL A 391 -3.81 45.26 -2.11
C VAL A 391 -5.10 44.88 -1.39
N ASP A 392 -5.56 45.79 -0.51
CA ASP A 392 -6.75 45.50 0.30
C ASP A 392 -7.99 45.33 -0.55
N ASP A 393 -8.06 45.99 -1.72
CA ASP A 393 -9.23 45.86 -2.59
C ASP A 393 -9.51 44.41 -2.97
N ILE A 394 -8.46 43.65 -3.28
CA ILE A 394 -8.69 42.26 -3.68
C ILE A 394 -9.17 41.43 -2.49
N LEU A 395 -8.58 41.65 -1.31
CA LEU A 395 -8.98 40.89 -0.13
C LEU A 395 -10.44 41.15 0.21
N GLU A 396 -10.96 42.33 -0.14
CA GLU A 396 -12.35 42.67 0.13
C GLU A 396 -13.32 42.22 -0.97
N PHE A 397 -12.85 42.19 -2.23
CA PHE A 397 -13.68 41.69 -3.32
C PHE A 397 -13.94 40.18 -3.19
N ALA A 398 -12.91 39.42 -2.82
CA ALA A 398 -13.05 37.97 -2.65
C ALA A 398 -14.22 37.60 -1.75
N ASP A 399 -14.76 36.40 -1.98
CA ASP A 399 -15.84 35.91 -1.13
C ASP A 399 -15.32 35.54 0.25
N TYR A 400 -14.11 35.01 0.33
CA TYR A 400 -13.48 34.71 1.61
C TYR A 400 -11.99 34.97 1.50
N VAL A 401 -11.35 35.12 2.65
CA VAL A 401 -9.89 35.13 2.76
C VAL A 401 -9.48 34.00 3.69
N LEU A 402 -8.53 33.19 3.26
CA LEU A 402 -8.04 32.12 4.11
C LEU A 402 -7.20 32.70 5.25
N LYS A 403 -7.32 32.09 6.43
CA LYS A 403 -6.39 32.40 7.50
C LYS A 403 -4.96 32.14 7.04
N PRO A 404 -4.00 32.93 7.49
CA PRO A 404 -2.63 32.78 7.00
C PRO A 404 -2.00 31.47 7.46
N ILE A 405 -1.06 30.98 6.66
CA ILE A 405 -0.23 29.88 7.11
C ILE A 405 0.68 30.42 8.20
N HIS A 406 0.61 29.80 9.39
CA HIS A 406 1.56 30.07 10.45
C HIS A 406 2.28 28.78 10.82
N GLY A 407 3.47 28.94 11.38
CA GLY A 407 4.17 27.82 11.97
C GLY A 407 4.35 28.07 13.46
N VAL A 408 5.58 28.34 13.86
CA VAL A 408 5.88 28.75 15.22
C VAL A 408 6.32 30.20 15.18
N GLY A 409 5.89 30.98 16.16
CA GLY A 409 6.30 32.37 16.19
C GLY A 409 5.70 33.22 15.07
N ASP A 410 6.26 34.41 14.94
CA ASP A 410 5.69 35.45 14.08
C ASP A 410 6.09 35.28 12.63
N PHE A 411 7.33 34.84 12.37
CA PHE A 411 7.80 34.74 10.99
C PHE A 411 6.99 33.72 10.20
N ASN A 412 6.33 34.20 9.12
CA ASN A 412 5.61 33.31 8.22
C ASN A 412 5.71 33.78 6.77
N HIS A 413 6.84 34.38 6.39
CA HIS A 413 6.96 34.99 5.06
C HIS A 413 7.49 33.93 4.09
N LEU A 414 6.55 33.13 3.60
CA LEU A 414 6.82 32.06 2.65
C LEU A 414 6.83 32.60 1.23
N SER A 415 7.49 31.86 0.34
CA SER A 415 7.30 32.12 -1.08
C SER A 415 5.86 31.78 -1.45
N VAL A 416 5.36 32.41 -2.51
CA VAL A 416 4.02 32.08 -2.96
C VAL A 416 3.97 30.62 -3.42
N ARG A 417 5.09 30.11 -3.95
CA ARG A 417 5.12 28.72 -4.39
C ARG A 417 4.95 27.77 -3.20
N SER A 418 5.61 28.07 -2.08
CA SER A 418 5.43 27.25 -0.88
C SER A 418 4.02 27.38 -0.31
N ALA A 419 3.43 28.57 -0.41
CA ALA A 419 2.08 28.76 0.14
C ALA A 419 1.04 28.00 -0.67
N VAL A 420 1.18 27.99 -2.00
CA VAL A 420 0.29 27.19 -2.83
C VAL A 420 0.39 25.72 -2.45
N ALA A 421 1.62 25.22 -2.34
CA ALA A 421 1.81 23.80 -2.04
C ALA A 421 1.16 23.42 -0.71
N ILE A 422 1.31 24.27 0.30
CA ILE A 422 0.77 23.97 1.64
C ILE A 422 -0.76 23.98 1.62
N TYR A 423 -1.34 25.01 1.03
CA TYR A 423 -2.80 25.10 1.03
C TYR A 423 -3.42 23.93 0.25
N LEU A 424 -2.83 23.58 -0.90
CA LEU A 424 -3.35 22.44 -1.66
C LEU A 424 -3.19 21.13 -0.89
N ASP A 425 -2.07 20.95 -0.17
CA ASP A 425 -1.93 19.75 0.64
C ASP A 425 -2.98 19.72 1.74
N ARG A 426 -3.20 20.86 2.40
CA ARG A 426 -4.18 20.91 3.49
C ARG A 426 -5.57 20.59 2.98
N ILE A 427 -5.94 21.18 1.83
CA ILE A 427 -7.25 20.94 1.24
C ILE A 427 -7.41 19.48 0.89
N ASN A 428 -6.40 18.90 0.23
CA ASN A 428 -6.47 17.49 -0.16
C ASN A 428 -6.63 16.60 1.08
N ARG A 429 -5.86 16.86 2.13
CA ARG A 429 -5.97 16.03 3.34
C ARG A 429 -7.30 16.23 4.04
N SER A 430 -7.84 17.44 4.00
CA SER A 430 -9.13 17.70 4.63
C SER A 430 -10.26 16.96 3.92
N PHE A 431 -10.25 16.98 2.59
CA PHE A 431 -11.33 16.35 1.83
C PHE A 431 -11.28 14.83 1.96
N GLN A 432 -10.08 14.25 2.00
CA GLN A 432 -9.96 12.80 2.23
C GLN A 432 -10.55 12.42 3.59
N GLU A 433 -10.24 13.18 4.62
CA GLU A 433 -10.70 12.91 5.97
C GLU A 433 -12.23 12.94 6.05
N HIS B 3 -31.40 -25.49 4.68
CA HIS B 3 -30.69 -25.79 3.43
C HIS B 3 -29.18 -25.91 3.66
N MET B 4 -28.64 -27.08 3.36
CA MET B 4 -27.22 -27.33 3.49
C MET B 4 -26.43 -26.51 2.47
N LYS B 5 -25.31 -25.93 2.92
CA LYS B 5 -24.44 -25.14 2.02
C LYS B 5 -23.56 -26.07 1.20
N ARG B 6 -23.43 -25.76 -0.09
CA ARG B 6 -22.68 -26.56 -1.04
C ARG B 6 -21.62 -25.71 -1.70
N TYR B 7 -20.37 -26.20 -1.73
CA TYR B 7 -19.26 -25.52 -2.37
C TYR B 7 -18.66 -26.45 -3.43
N ASN B 8 -18.78 -26.06 -4.70
CA ASN B 8 -18.22 -26.83 -5.80
C ASN B 8 -16.87 -26.24 -6.19
N VAL B 9 -15.88 -27.10 -6.37
CA VAL B 9 -14.53 -26.68 -6.70
C VAL B 9 -14.15 -27.30 -8.03
N ILE B 10 -13.99 -26.48 -9.05
CA ILE B 10 -13.57 -26.94 -10.37
C ILE B 10 -12.05 -26.87 -10.43
N THR B 11 -11.41 -28.02 -10.66
CA THR B 11 -9.96 -28.14 -10.47
C THR B 11 -9.46 -29.31 -11.29
N ILE B 12 -8.18 -29.25 -11.67
CA ILE B 12 -7.54 -30.44 -12.27
C ILE B 12 -7.08 -31.42 -11.20
N PHE B 13 -7.20 -31.07 -9.92
CA PHE B 13 -6.77 -31.95 -8.82
C PHE B 13 -7.95 -32.21 -7.88
N PRO B 14 -9.00 -32.90 -8.36
CA PRO B 14 -10.17 -33.12 -7.48
C PRO B 14 -9.83 -33.85 -6.19
N GLU B 15 -8.96 -34.86 -6.24
CA GLU B 15 -8.66 -35.60 -5.02
C GLU B 15 -7.91 -34.76 -3.99
N MET B 16 -7.20 -33.73 -4.41
CA MET B 16 -6.58 -32.82 -3.45
C MET B 16 -7.64 -32.17 -2.57
N ILE B 17 -8.77 -31.79 -3.17
CA ILE B 17 -9.86 -31.17 -2.43
C ILE B 17 -10.47 -32.16 -1.45
N ASN B 18 -10.79 -33.37 -1.92
CA ASN B 18 -11.35 -34.39 -1.06
C ASN B 18 -10.44 -34.70 0.13
N GLU B 19 -9.14 -34.79 -0.12
CA GLU B 19 -8.22 -35.14 0.97
C GLU B 19 -8.17 -34.05 2.03
N ILE B 20 -8.20 -32.79 1.60
CA ILE B 20 -8.02 -31.67 2.53
C ILE B 20 -9.14 -31.63 3.56
N PHE B 21 -10.36 -32.00 3.17
CA PHE B 21 -11.52 -31.85 4.02
C PHE B 21 -11.80 -33.08 4.87
N LYS B 22 -10.84 -34.00 4.98
CA LYS B 22 -10.93 -35.11 5.92
C LYS B 22 -10.48 -34.72 7.31
N TYR B 23 -9.90 -33.55 7.49
CA TYR B 23 -9.22 -33.22 8.74
C TYR B 23 -9.98 -32.15 9.51
N GLY B 24 -9.97 -32.27 10.83
CA GLY B 24 -10.36 -31.17 11.69
C GLY B 24 -11.87 -30.99 11.86
N VAL B 25 -12.22 -29.82 12.39
CA VAL B 25 -13.61 -29.58 12.75
C VAL B 25 -14.50 -29.49 11.51
N LEU B 26 -13.95 -29.01 10.39
CA LEU B 26 -14.75 -28.93 9.16
C LEU B 26 -15.19 -30.32 8.69
N SER B 27 -14.32 -31.33 8.84
CA SER B 27 -14.69 -32.68 8.42
C SER B 27 -15.87 -33.20 9.22
N LYS B 28 -15.89 -32.92 10.53
CA LYS B 28 -17.05 -33.32 11.32
C LYS B 28 -18.30 -32.59 10.86
N GLY B 29 -18.18 -31.34 10.43
CA GLY B 29 -19.33 -30.61 9.93
C GLY B 29 -19.89 -31.20 8.66
N ILE B 30 -19.01 -31.68 7.78
CA ILE B 30 -19.44 -32.36 6.57
C ILE B 30 -20.14 -33.68 6.92
N ASP B 31 -19.62 -34.39 7.93
CA ASP B 31 -20.16 -35.71 8.24
C ASP B 31 -21.61 -35.65 8.71
N ILE B 32 -22.01 -34.59 9.38
CA ILE B 32 -23.39 -34.48 9.88
C ILE B 32 -24.25 -33.62 8.97
N GLY B 33 -23.73 -33.20 7.82
CA GLY B 33 -24.55 -32.57 6.81
C GLY B 33 -24.72 -31.07 6.94
N LEU B 34 -23.83 -30.39 7.65
CA LEU B 34 -23.94 -28.94 7.77
C LEU B 34 -23.53 -28.25 6.49
N PHE B 35 -22.62 -28.85 5.73
CA PHE B 35 -22.25 -28.33 4.43
C PHE B 35 -21.59 -29.46 3.66
N ARG B 36 -21.23 -29.18 2.41
CA ARG B 36 -20.70 -30.21 1.54
C ARG B 36 -19.77 -29.55 0.53
N VAL B 37 -18.63 -30.20 0.26
CA VAL B 37 -17.67 -29.76 -0.74
C VAL B 37 -17.71 -30.77 -1.90
N ASN B 38 -17.87 -30.26 -3.11
CA ASN B 38 -18.05 -31.11 -4.30
C ASN B 38 -16.95 -30.79 -5.29
N PRO B 39 -15.86 -31.55 -5.31
CA PRO B 39 -14.79 -31.30 -6.30
C PRO B 39 -15.24 -31.74 -7.68
N ILE B 40 -14.99 -30.88 -8.67
CA ILE B 40 -15.37 -31.16 -10.05
C ILE B 40 -14.10 -31.34 -10.86
N ASN B 41 -13.95 -32.50 -11.50
CA ASN B 41 -12.76 -32.79 -12.29
C ASN B 41 -12.87 -32.09 -13.63
N LEU B 42 -12.11 -31.01 -13.81
CA LEU B 42 -12.14 -30.23 -15.04
C LEU B 42 -11.81 -31.07 -16.27
N ARG B 43 -10.97 -32.10 -16.11
CA ARG B 43 -10.62 -32.95 -17.25
C ARG B 43 -11.81 -33.76 -17.77
N ASP B 44 -12.90 -33.87 -16.99
CA ASP B 44 -14.08 -34.56 -17.51
C ASP B 44 -14.76 -33.78 -18.62
N TYR B 45 -14.43 -32.51 -18.78
CA TYR B 45 -15.07 -31.63 -19.75
C TYR B 45 -14.13 -31.34 -20.93
N THR B 46 -13.41 -32.37 -21.38
CA THR B 46 -12.51 -32.29 -22.52
C THR B 46 -12.96 -33.25 -23.60
N GLU B 47 -12.47 -33.05 -24.82
CA GLU B 47 -12.87 -33.86 -25.97
C GLU B 47 -11.81 -34.85 -26.42
N ASP B 48 -10.53 -34.49 -26.34
CA ASP B 48 -9.45 -35.28 -26.91
C ASP B 48 -9.02 -36.42 -25.98
N LYS B 49 -8.16 -37.30 -26.52
CA LYS B 49 -7.62 -38.41 -25.74
C LYS B 49 -6.73 -37.94 -24.60
N HIS B 50 -6.10 -36.77 -24.76
CA HIS B 50 -5.17 -36.26 -23.77
C HIS B 50 -5.83 -35.41 -22.69
N LYS B 51 -7.16 -35.28 -22.71
CA LYS B 51 -7.90 -34.56 -21.67
C LYS B 51 -7.34 -33.15 -21.46
N THR B 52 -7.19 -32.43 -22.56
CA THR B 52 -6.43 -31.19 -22.57
C THR B 52 -7.25 -30.05 -21.98
N VAL B 53 -6.71 -29.39 -20.96
CA VAL B 53 -7.36 -28.26 -20.32
C VAL B 53 -6.57 -26.98 -20.44
N ASP B 54 -5.39 -27.02 -21.05
CA ASP B 54 -4.54 -25.84 -21.13
C ASP B 54 -3.79 -25.88 -22.46
N ASP B 55 -3.21 -24.74 -22.81
CA ASP B 55 -2.54 -24.60 -24.11
C ASP B 55 -1.71 -23.33 -24.05
N TYR B 56 -0.84 -23.17 -25.04
CA TYR B 56 0.05 -22.02 -25.06
C TYR B 56 -0.73 -20.75 -25.37
N GLN B 57 -0.37 -19.65 -24.72
CA GLN B 57 -1.15 -18.43 -24.83
C GLN B 57 -0.83 -17.66 -26.09
N TYR B 58 -1.80 -16.87 -26.55
CA TYR B 58 -1.55 -15.91 -27.62
C TYR B 58 -0.63 -14.80 -27.12
N GLY B 59 0.20 -14.28 -28.02
CA GLY B 59 1.05 -13.16 -27.73
C GLY B 59 2.48 -13.47 -27.36
N GLY B 60 2.91 -14.72 -27.53
CA GLY B 60 4.33 -15.01 -27.45
C GLY B 60 4.68 -15.92 -26.27
N GLY B 61 5.75 -16.70 -26.44
CA GLY B 61 6.27 -17.50 -25.36
C GLY B 61 5.60 -18.85 -25.22
N HIS B 62 5.93 -19.53 -24.11
CA HIS B 62 5.45 -20.88 -23.85
C HIS B 62 4.64 -20.96 -22.55
N GLY B 63 4.08 -19.85 -22.07
CA GLY B 63 3.24 -19.91 -20.90
C GLY B 63 1.93 -20.65 -21.19
N LEU B 64 1.53 -21.50 -20.25
CA LEU B 64 0.29 -22.25 -20.35
C LEU B 64 -0.85 -21.46 -19.75
N VAL B 65 -2.00 -21.49 -20.42
CA VAL B 65 -3.22 -20.81 -19.97
C VAL B 65 -4.37 -21.83 -20.02
N MET B 66 -5.26 -21.77 -19.03
CA MET B 66 -6.39 -22.70 -19.02
C MET B 66 -7.33 -22.37 -20.16
N LYS B 67 -7.71 -23.38 -20.93
CA LYS B 67 -8.55 -23.16 -22.09
C LYS B 67 -9.95 -22.74 -21.66
N PRO B 68 -10.66 -22.00 -22.52
CA PRO B 68 -12.00 -21.53 -22.13
C PRO B 68 -13.05 -22.63 -22.16
N GLU B 69 -13.00 -23.54 -23.14
CA GLU B 69 -14.11 -24.47 -23.30
C GLU B 69 -14.32 -25.41 -22.11
N PRO B 70 -13.29 -26.09 -21.58
CA PRO B 70 -13.56 -27.01 -20.45
C PRO B 70 -14.17 -26.32 -19.25
N ILE B 71 -13.66 -25.14 -18.90
CA ILE B 71 -14.21 -24.39 -17.77
C ILE B 71 -15.64 -23.97 -18.05
N TYR B 72 -15.92 -23.49 -19.26
CA TYR B 72 -17.28 -23.17 -19.65
C TYR B 72 -18.20 -24.37 -19.43
N LYS B 73 -17.84 -25.52 -19.99
CA LYS B 73 -18.73 -26.69 -19.92
C LYS B 73 -18.90 -27.15 -18.48
N ALA B 74 -17.84 -27.04 -17.66
CA ALA B 74 -17.94 -27.43 -16.27
C ALA B 74 -18.93 -26.54 -15.53
N ILE B 75 -18.88 -25.23 -15.77
CA ILE B 75 -19.78 -24.31 -15.08
C ILE B 75 -21.20 -24.47 -15.59
N ALA B 76 -21.36 -24.59 -16.91
CA ALA B 76 -22.69 -24.76 -17.47
C ALA B 76 -23.35 -26.03 -16.95
N ASP B 77 -22.57 -27.11 -16.79
CA ASP B 77 -23.13 -28.38 -16.30
C ASP B 77 -23.68 -28.21 -14.88
N LEU B 78 -22.93 -27.54 -14.02
CA LEU B 78 -23.42 -27.22 -12.67
C LEU B 78 -24.68 -26.36 -12.74
N LYS B 79 -24.63 -25.26 -13.49
CA LYS B 79 -25.77 -24.36 -13.56
C LYS B 79 -27.00 -25.03 -14.16
N SER B 80 -26.81 -26.05 -14.98
CA SER B 80 -27.96 -26.77 -15.52
C SER B 80 -28.69 -27.59 -14.46
N LYS B 81 -28.08 -27.79 -13.29
CA LYS B 81 -28.67 -28.59 -12.24
C LYS B 81 -29.08 -27.79 -11.01
N LYS B 82 -28.48 -26.63 -10.78
CA LYS B 82 -28.79 -25.82 -9.62
C LYS B 82 -28.27 -24.41 -9.83
N ASP B 83 -28.92 -23.44 -9.18
CA ASP B 83 -28.37 -22.09 -9.15
C ASP B 83 -27.09 -22.08 -8.32
N THR B 84 -26.07 -21.40 -8.82
CA THR B 84 -24.80 -21.36 -8.11
C THR B 84 -24.15 -20.01 -8.37
N HIS B 85 -23.35 -19.59 -7.41
CA HIS B 85 -22.62 -18.32 -7.48
C HIS B 85 -21.18 -18.65 -7.85
N VAL B 86 -20.69 -18.08 -8.96
CA VAL B 86 -19.43 -18.51 -9.56
C VAL B 86 -18.32 -17.54 -9.19
N VAL B 87 -17.31 -18.06 -8.51
CA VAL B 87 -16.15 -17.27 -8.08
C VAL B 87 -14.95 -17.76 -8.88
N PHE B 88 -14.32 -16.84 -9.62
CA PHE B 88 -13.04 -17.15 -10.24
C PHE B 88 -11.93 -16.72 -9.28
N LEU B 89 -11.05 -17.65 -8.95
CA LEU B 89 -9.93 -17.32 -8.07
C LEU B 89 -8.83 -16.68 -8.91
N ASP B 90 -8.46 -15.45 -8.56
CA ASP B 90 -7.62 -14.63 -9.42
C ASP B 90 -7.02 -13.49 -8.60
N PRO B 91 -5.70 -13.27 -8.67
CA PRO B 91 -5.08 -12.13 -7.97
C PRO B 91 -5.74 -10.79 -8.24
N ARG B 92 -6.38 -10.63 -9.39
CA ARG B 92 -6.98 -9.34 -9.73
C ARG B 92 -8.30 -9.09 -9.01
N GLY B 93 -8.80 -10.07 -8.25
CA GLY B 93 -10.10 -9.95 -7.62
C GLY B 93 -10.07 -9.23 -6.29
N GLU B 94 -11.26 -9.15 -5.68
CA GLU B 94 -11.39 -8.60 -4.33
C GLU B 94 -10.48 -9.33 -3.37
N GLN B 95 -9.68 -8.57 -2.63
CA GLN B 95 -8.86 -9.17 -1.59
C GLN B 95 -9.75 -9.84 -0.53
N PHE B 96 -9.56 -11.14 -0.30
CA PHE B 96 -10.44 -11.85 0.60
C PHE B 96 -10.25 -11.40 2.05
N THR B 97 -11.34 -11.00 2.71
CA THR B 97 -11.32 -10.59 4.11
C THR B 97 -12.49 -11.23 4.86
N GLN B 98 -12.50 -11.05 6.18
CA GLN B 98 -13.64 -11.53 6.97
C GLN B 98 -14.97 -10.94 6.48
N LYS B 99 -14.97 -9.67 6.06
CA LYS B 99 -16.15 -9.09 5.41
C LYS B 99 -16.58 -9.91 4.19
N THR B 100 -15.61 -10.31 3.36
CA THR B 100 -15.92 -11.17 2.22
C THR B 100 -16.53 -12.48 2.67
N ALA B 101 -15.93 -13.10 3.68
CA ALA B 101 -16.46 -14.37 4.19
C ALA B 101 -17.89 -14.22 4.66
N GLU B 102 -18.19 -13.12 5.37
CA GLU B 102 -19.55 -12.91 5.86
C GLU B 102 -20.53 -12.68 4.72
N ARG B 103 -20.09 -12.03 3.64
CA ARG B 103 -20.94 -11.84 2.47
C ARG B 103 -21.18 -13.17 1.76
N LEU B 104 -20.11 -13.95 1.53
CA LEU B 104 -20.26 -15.23 0.87
C LEU B 104 -21.12 -16.20 1.68
N TYR B 105 -21.13 -16.05 3.01
CA TYR B 105 -21.91 -16.95 3.84
C TYR B 105 -23.38 -17.01 3.41
N ASN B 106 -23.90 -15.89 2.88
CA ASN B 106 -25.33 -15.85 2.56
C ASN B 106 -25.70 -16.73 1.37
N TYR B 107 -24.76 -17.09 0.51
CA TYR B 107 -25.06 -17.99 -0.58
C TYR B 107 -25.23 -19.41 -0.06
N ASP B 108 -26.15 -20.15 -0.68
CA ASP B 108 -26.29 -21.57 -0.40
C ASP B 108 -25.49 -22.45 -1.34
N ASP B 109 -24.98 -21.91 -2.44
CA ASP B 109 -24.22 -22.70 -3.41
C ASP B 109 -23.21 -21.80 -4.10
N ILE B 110 -21.93 -22.08 -3.91
CA ILE B 110 -20.86 -21.31 -4.52
C ILE B 110 -19.97 -22.26 -5.31
N THR B 111 -19.58 -21.83 -6.50
CA THR B 111 -18.66 -22.59 -7.35
C THR B 111 -17.35 -21.83 -7.46
N PHE B 112 -16.26 -22.50 -7.13
CA PHE B 112 -14.91 -21.93 -7.17
C PHE B 112 -14.16 -22.49 -8.38
N VAL B 113 -13.58 -21.60 -9.18
CA VAL B 113 -12.85 -22.00 -10.38
C VAL B 113 -11.36 -21.80 -10.11
N CYS B 114 -10.62 -22.89 -10.14
CA CYS B 114 -9.18 -22.90 -9.82
C CYS B 114 -8.36 -22.91 -11.10
N GLY B 115 -7.53 -21.89 -11.29
CA GLY B 115 -6.59 -21.89 -12.39
C GLY B 115 -5.27 -22.55 -12.02
N ARG B 116 -4.47 -22.80 -13.05
CA ARG B 116 -3.09 -23.27 -12.92
C ARG B 116 -2.26 -22.50 -13.96
N TYR B 117 -0.94 -22.60 -13.82
CA TYR B 117 0.05 -22.04 -14.77
C TYR B 117 -0.17 -20.52 -14.84
N GLU B 118 -0.19 -19.93 -16.03
CA GLU B 118 -0.25 -18.47 -16.16
C GLU B 118 -1.61 -17.92 -15.77
N GLY B 119 -2.67 -18.72 -15.84
CA GLY B 119 -3.99 -18.26 -15.48
C GLY B 119 -5.04 -18.83 -16.42
N ILE B 120 -6.19 -18.17 -16.45
CA ILE B 120 -7.37 -18.66 -17.16
C ILE B 120 -7.70 -17.72 -18.32
N ASP B 121 -8.02 -18.30 -19.48
CA ASP B 121 -8.49 -17.49 -20.60
C ASP B 121 -9.59 -16.54 -20.15
N ASP B 122 -9.34 -15.25 -20.28
CA ASP B 122 -10.23 -14.29 -19.63
C ASP B 122 -11.60 -14.23 -20.28
N ARG B 123 -11.79 -14.82 -21.46
CA ARG B 123 -13.12 -14.77 -22.06
C ARG B 123 -14.13 -15.60 -21.26
N VAL B 124 -13.71 -16.75 -20.73
CA VAL B 124 -14.67 -17.56 -19.97
C VAL B 124 -14.91 -16.94 -18.60
N ARG B 125 -13.93 -16.21 -18.05
CA ARG B 125 -14.19 -15.44 -16.84
C ARG B 125 -15.25 -14.38 -17.11
N GLU B 126 -15.11 -13.63 -18.21
CA GLU B 126 -16.11 -12.63 -18.55
C GLU B 126 -17.49 -13.26 -18.77
N LEU B 127 -17.51 -14.45 -19.38
CA LEU B 127 -18.80 -15.07 -19.69
C LEU B 127 -19.48 -15.67 -18.47
N MET B 128 -18.73 -16.18 -17.49
CA MET B 128 -19.32 -17.02 -16.44
C MET B 128 -19.01 -16.57 -15.02
N ALA B 129 -18.00 -15.76 -14.77
CA ALA B 129 -17.72 -15.33 -13.40
C ALA B 129 -18.85 -14.44 -12.91
N ASP B 130 -19.26 -14.65 -11.65
CA ASP B 130 -20.04 -13.62 -10.99
C ASP B 130 -19.13 -12.62 -10.31
N GLU B 131 -17.93 -13.05 -9.94
CA GLU B 131 -16.94 -12.14 -9.36
C GLU B 131 -15.60 -12.85 -9.39
N MET B 132 -14.56 -12.07 -9.17
CA MET B 132 -13.22 -12.59 -8.93
C MET B 132 -12.81 -12.29 -7.51
N ILE B 133 -12.17 -13.26 -6.86
CA ILE B 133 -11.68 -13.09 -5.50
C ILE B 133 -10.21 -13.51 -5.45
N SER B 134 -9.39 -12.68 -4.82
CA SER B 134 -7.98 -12.97 -4.56
C SER B 134 -7.82 -13.40 -3.12
N ILE B 135 -6.99 -14.45 -2.88
CA ILE B 135 -6.78 -14.88 -1.50
C ILE B 135 -5.85 -13.93 -0.75
N GLY B 136 -5.12 -13.08 -1.46
CA GLY B 136 -4.23 -12.14 -0.80
C GLY B 136 -3.29 -11.54 -1.82
N ASP B 137 -2.47 -10.60 -1.35
CA ASP B 137 -1.60 -9.84 -2.23
C ASP B 137 -0.33 -10.63 -2.54
N PHE B 138 -0.50 -11.84 -3.03
CA PHE B 138 0.62 -12.71 -3.36
C PHE B 138 0.13 -13.68 -4.42
N VAL B 139 1.07 -14.44 -4.98
CA VAL B 139 0.76 -15.39 -6.05
C VAL B 139 1.10 -16.79 -5.59
N ILE B 140 0.20 -17.74 -5.86
CA ILE B 140 0.46 -19.16 -5.63
C ILE B 140 0.29 -19.93 -6.95
N THR B 141 0.72 -21.21 -6.92
CA THR B 141 0.80 -21.99 -8.15
C THR B 141 -0.58 -22.39 -8.69
N GLY B 142 -1.63 -22.33 -7.88
CA GLY B 142 -2.95 -22.76 -8.33
C GLY B 142 -4.03 -22.23 -7.41
N GLY B 143 -5.26 -22.23 -7.93
CA GLY B 143 -6.38 -21.76 -7.14
C GLY B 143 -6.89 -22.71 -6.07
N GLU B 144 -6.45 -23.96 -6.06
CA GLU B 144 -7.01 -24.96 -5.14
C GLU B 144 -6.90 -24.50 -3.68
N LEU B 145 -5.71 -24.06 -3.26
CA LEU B 145 -5.52 -23.64 -1.87
C LEU B 145 -6.33 -22.39 -1.55
N ALA B 146 -6.53 -21.52 -2.54
CA ALA B 146 -7.37 -20.34 -2.30
C ALA B 146 -8.82 -20.76 -2.08
N ALA B 147 -9.32 -21.67 -2.92
CA ALA B 147 -10.68 -22.18 -2.75
C ALA B 147 -10.89 -22.81 -1.37
N VAL B 148 -10.00 -23.73 -0.96
CA VAL B 148 -10.26 -24.43 0.30
C VAL B 148 -10.09 -23.48 1.49
N THR B 149 -9.23 -22.47 1.35
CA THR B 149 -9.06 -21.50 2.43
C THR B 149 -10.31 -20.66 2.59
N ILE B 150 -10.92 -20.25 1.47
CA ILE B 150 -12.18 -19.51 1.53
C ILE B 150 -13.28 -20.39 2.09
N ILE B 151 -13.36 -21.64 1.62
CA ILE B 151 -14.39 -22.54 2.14
C ILE B 151 -14.26 -22.71 3.65
N ASP B 152 -13.03 -22.94 4.13
CA ASP B 152 -12.79 -23.01 5.56
C ASP B 152 -13.34 -21.78 6.27
N ALA B 153 -12.96 -20.58 5.78
CA ALA B 153 -13.38 -19.34 6.45
C ALA B 153 -14.89 -19.15 6.46
N VAL B 154 -15.58 -19.59 5.41
CA VAL B 154 -17.02 -19.39 5.32
C VAL B 154 -17.76 -20.48 6.08
N ALA B 155 -17.35 -21.73 5.90
CA ALA B 155 -18.03 -22.86 6.53
C ALA B 155 -17.99 -22.77 8.04
N ARG B 156 -16.95 -22.15 8.60
CA ARG B 156 -16.87 -22.09 10.06
C ARG B 156 -17.82 -21.06 10.65
N LEU B 157 -18.50 -20.26 9.82
CA LEU B 157 -19.55 -19.38 10.32
C LEU B 157 -20.93 -20.04 10.31
N ILE B 158 -21.05 -21.25 9.74
CA ILE B 158 -22.29 -22.01 9.76
C ILE B 158 -22.59 -22.45 11.19
N PRO B 159 -23.75 -22.09 11.74
CA PRO B 159 -24.07 -22.54 13.11
C PRO B 159 -23.98 -24.04 13.24
N GLY B 160 -23.35 -24.49 14.33
CA GLY B 160 -23.16 -25.90 14.57
C GLY B 160 -21.86 -26.49 14.05
N VAL B 161 -21.22 -25.86 13.06
CA VAL B 161 -19.93 -26.38 12.61
C VAL B 161 -18.91 -26.30 13.75
N LEU B 162 -18.77 -25.12 14.34
CA LEU B 162 -17.92 -24.94 15.50
C LEU B 162 -18.74 -25.20 16.77
N GLY B 163 -18.03 -25.54 17.83
CA GLY B 163 -18.67 -25.73 19.12
C GLY B 163 -18.11 -24.75 20.14
N ASP B 164 -18.06 -25.16 21.40
CA ASP B 164 -17.47 -24.32 22.43
C ASP B 164 -15.95 -24.31 22.40
N GLU B 165 -15.33 -25.23 21.63
CA GLU B 165 -13.88 -25.23 21.47
C GLU B 165 -13.36 -23.87 21.02
N ASN B 166 -14.16 -23.12 20.25
CA ASN B 166 -13.74 -21.86 19.63
C ASN B 166 -14.98 -21.19 19.01
N SER B 167 -15.45 -20.09 19.60
CA SER B 167 -16.65 -19.48 19.02
C SER B 167 -16.27 -18.46 17.93
N PRO B 168 -17.01 -18.44 16.82
CA PRO B 168 -16.69 -17.50 15.74
C PRO B 168 -17.22 -16.08 15.95
N ASN B 169 -18.06 -15.86 16.97
CA ASN B 169 -18.68 -14.55 17.17
C ASN B 169 -17.69 -13.51 17.69
N GLU B 170 -16.70 -13.93 18.47
CA GLU B 170 -15.68 -13.04 19.01
C GLU B 170 -14.32 -13.58 18.58
N GLU B 171 -13.72 -12.94 17.58
CA GLU B 171 -12.49 -13.40 16.93
C GLU B 171 -11.82 -12.18 16.32
N SER B 172 -10.51 -12.30 16.08
CA SER B 172 -9.82 -11.32 15.24
C SER B 172 -10.61 -11.06 13.98
N PHE B 173 -10.59 -9.79 13.53
CA PHE B 173 -11.19 -9.31 12.28
C PHE B 173 -12.71 -9.28 12.32
N THR B 174 -13.34 -10.31 12.88
CA THR B 174 -14.80 -10.29 13.02
C THR B 174 -15.24 -9.08 13.84
N THR B 175 -14.48 -8.75 14.87
CA THR B 175 -14.71 -7.61 15.76
C THR B 175 -14.15 -6.30 15.24
N GLY B 176 -13.49 -6.28 14.08
CA GLY B 176 -12.74 -5.11 13.66
C GLY B 176 -11.44 -4.88 14.39
N LEU B 177 -11.05 -5.76 15.31
CA LEU B 177 -9.82 -5.65 16.09
C LEU B 177 -9.04 -6.95 16.01
N LEU B 178 -7.81 -6.93 16.53
CA LEU B 178 -7.05 -8.15 16.73
C LEU B 178 -7.32 -8.68 18.13
N GLU B 179 -7.39 -10.00 18.27
CA GLU B 179 -7.79 -10.60 19.53
C GLU B 179 -6.66 -10.53 20.57
N TYR B 180 -7.06 -10.60 21.84
CA TYR B 180 -6.18 -10.65 22.99
C TYR B 180 -5.46 -12.00 23.07
N PRO B 181 -4.38 -12.11 23.87
CA PRO B 181 -3.68 -13.39 24.02
C PRO B 181 -4.51 -14.43 24.78
N HIS B 182 -4.18 -15.70 24.55
CA HIS B 182 -4.81 -16.85 25.20
C HIS B 182 -3.76 -17.67 25.95
N PHE B 183 -4.18 -18.31 27.04
CA PHE B 183 -3.31 -19.13 27.86
C PHE B 183 -4.07 -20.35 28.37
N THR B 184 -3.32 -21.42 28.67
CA THR B 184 -3.88 -22.61 29.29
C THR B 184 -2.90 -23.15 30.32
N ARG B 185 -3.28 -24.24 30.98
CA ARG B 185 -2.40 -24.85 31.98
C ARG B 185 -1.08 -25.25 31.32
N PRO B 186 0.03 -25.21 32.07
CA PRO B 186 0.15 -24.92 33.51
C PRO B 186 0.18 -23.43 33.83
N ALA B 187 -0.06 -23.08 35.10
CA ALA B 187 -0.07 -21.68 35.49
C ALA B 187 1.27 -21.00 35.26
N GLU B 188 2.37 -21.74 35.35
CA GLU B 188 3.69 -21.19 35.08
C GLU B 188 4.44 -22.15 34.16
N PHE B 189 5.02 -21.61 33.08
CA PHE B 189 5.76 -22.40 32.10
C PHE B 189 7.09 -21.73 31.84
N MET B 190 8.18 -22.39 32.26
CA MET B 190 9.53 -21.86 32.09
C MET B 190 9.60 -20.42 32.60
N GLY B 191 9.15 -20.23 33.85
CA GLY B 191 9.17 -18.93 34.49
C GLY B 191 8.14 -17.94 34.01
N LYS B 192 7.35 -18.26 32.99
CA LYS B 192 6.36 -17.33 32.46
C LYS B 192 5.00 -17.66 33.07
N LYS B 193 4.46 -16.73 33.87
CA LYS B 193 3.18 -16.90 34.53
C LYS B 193 2.04 -16.41 33.66
N VAL B 194 0.96 -17.18 33.62
CA VAL B 194 -0.27 -16.69 33.00
C VAL B 194 -0.69 -15.39 33.69
N PRO B 195 -1.20 -14.38 32.97
CA PRO B 195 -1.71 -13.17 33.63
C PRO B 195 -2.64 -13.51 34.79
N GLU B 196 -2.31 -12.99 35.97
CA GLU B 196 -2.99 -13.43 37.19
C GLU B 196 -4.49 -13.12 37.14
N VAL B 197 -4.87 -12.06 36.41
CA VAL B 197 -6.28 -11.71 36.29
C VAL B 197 -7.08 -12.88 35.71
N LEU B 198 -6.49 -13.63 34.76
CA LEU B 198 -7.21 -14.75 34.16
C LEU B 198 -7.38 -15.92 35.12
N ILE B 199 -6.52 -16.02 36.13
CA ILE B 199 -6.61 -17.10 37.10
C ILE B 199 -7.59 -16.76 38.23
N SER B 200 -7.49 -15.53 38.78
CA SER B 200 -8.20 -15.20 39.99
C SER B 200 -9.02 -13.91 39.87
N GLY B 201 -9.30 -13.46 38.65
CA GLY B 201 -10.11 -12.28 38.45
C GLY B 201 -11.59 -12.58 38.28
N ASN B 202 -12.43 -11.58 38.54
CA ASN B 202 -13.85 -11.74 38.27
C ASN B 202 -14.13 -11.53 36.78
N HIS B 203 -15.37 -11.75 36.37
CA HIS B 203 -15.67 -11.73 34.94
C HIS B 203 -15.46 -10.34 34.35
N GLU B 204 -15.81 -9.29 35.09
CA GLU B 204 -15.62 -7.93 34.58
C GLU B 204 -14.14 -7.60 34.45
N GLU B 205 -13.32 -7.99 35.43
CA GLU B 205 -11.89 -7.74 35.33
C GLU B 205 -11.29 -8.47 34.14
N ILE B 206 -11.73 -9.70 33.89
CA ILE B 206 -11.23 -10.44 32.74
C ILE B 206 -11.68 -9.77 31.45
N ARG B 207 -12.94 -9.33 31.40
CA ARG B 207 -13.41 -8.63 30.21
C ARG B 207 -12.60 -7.38 29.92
N ARG B 208 -12.30 -6.58 30.96
CA ARG B 208 -11.56 -5.34 30.77
C ARG B 208 -10.13 -5.62 30.33
N TRP B 209 -9.50 -6.63 30.91
CA TRP B 209 -8.14 -6.97 30.51
C TRP B 209 -8.10 -7.40 29.05
N ARG B 210 -9.07 -8.22 28.65
CA ARG B 210 -9.07 -8.72 27.28
C ARG B 210 -9.27 -7.60 26.28
N LEU B 211 -10.23 -6.72 26.56
CA LEU B 211 -10.48 -5.58 25.67
C LEU B 211 -9.26 -4.68 25.57
N THR B 212 -8.58 -4.44 26.69
CA THR B 212 -7.41 -3.57 26.68
C THR B 212 -6.26 -4.19 25.89
N GLU B 213 -6.00 -5.49 26.08
CA GLU B 213 -4.92 -6.15 25.34
C GLU B 213 -5.26 -6.23 23.87
N SER B 214 -6.53 -6.43 23.54
CA SER B 214 -6.95 -6.44 22.13
C SER B 214 -6.69 -5.08 21.49
N ILE B 215 -7.11 -4.01 22.14
CA ILE B 215 -6.89 -2.67 21.59
C ILE B 215 -5.40 -2.37 21.53
N LYS B 216 -4.66 -2.79 22.56
CA LYS B 216 -3.21 -2.61 22.57
C LYS B 216 -2.56 -3.34 21.40
N THR B 217 -2.91 -4.62 21.21
CA THR B 217 -2.37 -5.39 20.10
C THR B 217 -2.74 -4.77 18.75
N THR B 218 -4.00 -4.35 18.59
CA THR B 218 -4.42 -3.78 17.31
C THR B 218 -3.70 -2.49 17.02
N LEU B 219 -3.54 -1.64 18.04
CA LEU B 219 -2.85 -0.37 17.82
C LEU B 219 -1.40 -0.61 17.43
N GLN B 220 -0.74 -1.57 18.05
CA GLN B 220 0.69 -1.76 17.81
C GLN B 220 0.94 -2.49 16.49
N ASN B 221 0.13 -3.50 16.16
CA ASN B 221 0.39 -4.32 14.99
C ASN B 221 -0.37 -3.86 13.76
N ARG B 222 -1.62 -3.42 13.91
CA ARG B 222 -2.45 -3.02 12.78
C ARG B 222 -3.16 -1.71 13.07
N PRO B 223 -2.40 -0.61 13.20
CA PRO B 223 -3.05 0.70 13.44
C PRO B 223 -4.07 1.06 12.39
N ASP B 224 -3.93 0.54 11.16
CA ASP B 224 -4.94 0.79 10.14
C ASP B 224 -6.30 0.25 10.56
N MET B 225 -6.33 -0.84 11.34
CA MET B 225 -7.61 -1.38 11.76
C MET B 225 -8.30 -0.47 12.78
N ILE B 226 -7.51 0.18 13.64
CA ILE B 226 -8.11 1.13 14.59
C ILE B 226 -8.82 2.24 13.83
N LEU B 227 -8.15 2.81 12.83
CA LEU B 227 -8.71 3.96 12.12
C LEU B 227 -10.01 3.61 11.41
N ARG B 228 -10.20 2.36 11.03
CA ARG B 228 -11.40 1.96 10.34
C ARG B 228 -12.54 1.58 11.27
N LYS B 229 -12.26 1.30 12.54
CA LYS B 229 -13.28 0.80 13.44
C LYS B 229 -14.03 1.94 14.09
N SER B 230 -15.35 1.81 14.14
CA SER B 230 -16.18 2.71 14.93
C SER B 230 -16.12 2.23 16.37
N LEU B 231 -15.41 2.98 17.21
CA LEU B 231 -15.14 2.51 18.56
C LEU B 231 -16.30 2.82 19.48
N SER B 232 -16.51 1.93 20.45
CA SER B 232 -17.40 2.22 21.55
C SER B 232 -16.80 3.33 22.41
N ARG B 233 -17.66 3.94 23.24
CA ARG B 233 -17.16 4.95 24.17
C ARG B 233 -16.08 4.37 25.09
N GLU B 234 -16.29 3.15 25.57
CA GLU B 234 -15.28 2.51 26.41
C GLU B 234 -14.00 2.23 25.63
N GLU B 235 -14.14 1.67 24.42
CA GLU B 235 -12.96 1.39 23.60
C GLU B 235 -12.17 2.66 23.33
N GLU B 236 -12.85 3.77 23.03
CA GLU B 236 -12.16 5.02 22.76
C GLU B 236 -11.46 5.56 24.01
N GLN B 237 -12.01 5.30 25.19
CA GLN B 237 -11.35 5.72 26.42
C GLN B 237 -10.10 4.88 26.69
N ILE B 238 -10.18 3.57 26.41
CA ILE B 238 -9.01 2.71 26.55
C ILE B 238 -7.90 3.16 25.59
N LEU B 239 -8.26 3.41 24.33
CA LEU B 239 -7.28 3.89 23.35
C LEU B 239 -6.61 5.17 23.84
N TRP B 240 -7.43 6.11 24.34
CA TRP B 240 -6.89 7.38 24.85
C TRP B 240 -5.86 7.13 25.95
N SER B 241 -6.17 6.23 26.88
CA SER B 241 -5.24 5.94 27.97
C SER B 241 -3.93 5.34 27.45
N LEU B 242 -3.98 4.61 26.34
CA LEU B 242 -2.76 4.07 25.76
C LEU B 242 -1.94 5.14 25.05
N THR B 243 -2.60 6.16 24.49
CA THR B 243 -1.91 7.16 23.69
C THR B 243 -1.95 8.52 24.37
N ARG B 244 -1.43 8.60 25.59
CA ARG B 244 -1.40 9.85 26.35
C ARG B 244 -0.14 9.91 27.19
N TYR B 250 11.21 18.45 20.38
CA TYR B 250 11.43 17.72 19.14
C TYR B 250 12.11 18.59 18.08
N ASN B 251 13.42 18.77 18.21
CA ASN B 251 14.17 19.68 17.36
C ASN B 251 14.37 19.12 15.96
N ILE B 252 14.07 19.92 14.95
CA ILE B 252 14.10 19.51 13.55
C ILE B 252 15.24 20.21 12.83
N TYR B 253 15.96 19.45 12.00
CA TYR B 253 16.96 19.96 11.08
C TYR B 253 16.60 19.53 9.67
N VAL B 254 16.98 20.36 8.69
CA VAL B 254 16.73 20.10 7.28
C VAL B 254 18.04 20.18 6.53
N ALA B 255 18.32 19.18 5.69
CA ALA B 255 19.49 19.20 4.83
C ALA B 255 19.06 19.01 3.38
N LEU B 256 19.55 19.87 2.50
CA LEU B 256 19.37 19.76 1.05
C LEU B 256 20.66 19.20 0.47
N MET B 257 20.58 18.00 -0.11
CA MET B 257 21.77 17.30 -0.55
C MET B 257 21.88 17.29 -2.07
N HIS B 258 23.11 17.35 -2.56
CA HIS B 258 23.40 17.39 -3.99
C HIS B 258 24.23 16.19 -4.45
N TYR B 259 24.49 15.23 -3.55
CA TYR B 259 25.14 13.96 -3.87
C TYR B 259 24.78 12.99 -2.77
N PRO B 260 24.53 11.70 -3.09
CA PRO B 260 24.46 11.16 -4.44
C PRO B 260 23.02 11.18 -4.97
N MET B 261 22.81 11.82 -6.13
CA MET B 261 21.52 11.93 -6.78
C MET B 261 21.49 11.13 -8.07
N ARG B 262 20.27 10.80 -8.49
CA ARG B 262 20.04 10.23 -9.82
C ARG B 262 19.97 11.34 -10.84
N ASP B 263 20.51 11.08 -12.04
CA ASP B 263 20.17 11.93 -13.18
C ASP B 263 18.98 11.28 -13.91
N LYS B 264 18.61 11.81 -15.08
CA LYS B 264 17.43 11.28 -15.76
C LYS B 264 17.59 9.79 -16.10
N GLU B 265 18.80 9.35 -16.41
CA GLU B 265 19.05 7.96 -16.72
C GLU B 265 19.26 7.10 -15.47
N GLY B 266 19.11 7.66 -14.28
CA GLY B 266 19.30 6.90 -13.06
C GLY B 266 20.74 6.69 -12.65
N LYS B 267 21.68 7.37 -13.27
CA LYS B 267 23.09 7.27 -12.90
C LYS B 267 23.41 8.24 -11.77
N VAL B 268 24.43 7.90 -10.99
CA VAL B 268 24.79 8.69 -9.81
C VAL B 268 25.51 9.96 -10.25
N VAL B 269 25.06 11.12 -9.76
CA VAL B 269 25.66 12.41 -10.12
C VAL B 269 25.72 13.32 -8.91
N THR B 270 26.52 14.38 -9.03
CA THR B 270 26.48 15.51 -8.13
C THR B 270 25.77 16.66 -8.83
N THR B 271 24.80 17.27 -8.17
CA THR B 271 24.07 18.35 -8.81
C THR B 271 24.67 19.71 -8.45
N SER B 272 24.37 20.69 -9.29
CA SER B 272 24.73 22.07 -9.03
C SER B 272 23.68 22.74 -8.15
N ILE B 273 24.12 23.74 -7.38
CA ILE B 273 23.21 24.48 -6.52
C ILE B 273 22.21 25.26 -7.37
N THR B 274 20.95 25.23 -6.97
CA THR B 274 19.91 26.10 -7.51
C THR B 274 19.69 27.24 -6.53
N ASN B 275 19.92 28.48 -7.00
CA ASN B 275 19.97 29.64 -6.11
C ASN B 275 18.70 29.77 -5.27
N MET B 276 17.54 29.58 -5.87
CA MET B 276 16.29 29.76 -5.16
C MET B 276 16.05 28.69 -4.10
N ASP B 277 16.70 27.52 -4.21
CA ASP B 277 16.63 26.56 -3.11
C ASP B 277 17.20 27.16 -1.82
N LEU B 278 18.08 28.14 -1.94
CA LEU B 278 18.68 28.74 -0.75
C LEU B 278 17.71 29.69 -0.05
N HIS B 279 17.04 30.57 -0.80
CA HIS B 279 16.12 31.53 -0.18
C HIS B 279 14.82 30.85 0.22
N ASP B 280 14.23 30.07 -0.70
CA ASP B 280 12.90 29.53 -0.50
C ASP B 280 12.86 28.58 0.69
N ILE B 281 13.80 27.63 0.74
CA ILE B 281 13.78 26.64 1.81
C ILE B 281 14.17 27.30 3.15
N SER B 282 15.02 28.34 3.11
CA SER B 282 15.31 29.08 4.34
C SER B 282 14.03 29.63 4.95
N ARG B 283 13.20 30.27 4.12
CA ARG B 283 11.99 30.90 4.63
C ARG B 283 11.02 29.86 5.19
N SER B 284 10.95 28.67 4.57
CA SER B 284 10.09 27.62 5.10
C SER B 284 10.64 27.05 6.40
N CYS B 285 11.95 26.83 6.48
CA CYS B 285 12.54 26.36 7.74
C CYS B 285 12.31 27.38 8.85
N ARG B 286 12.52 28.66 8.56
CA ARG B 286 12.33 29.71 9.57
C ARG B 286 10.88 29.82 10.00
N THR B 287 9.95 29.65 9.06
CA THR B 287 8.53 29.70 9.40
C THR B 287 8.16 28.61 10.39
N PHE B 288 8.74 27.42 10.24
CA PHE B 288 8.30 26.25 11.00
C PHE B 288 9.28 25.84 12.10
N GLY B 289 10.19 26.73 12.50
CA GLY B 289 11.03 26.48 13.65
C GLY B 289 12.13 25.46 13.46
N VAL B 290 12.55 25.22 12.21
CA VAL B 290 13.70 24.35 11.99
C VAL B 290 14.93 24.95 12.64
N LYS B 291 15.74 24.11 13.28
CA LYS B 291 16.89 24.62 14.02
C LYS B 291 17.98 25.13 13.09
N ASN B 292 18.32 24.36 12.05
CA ASN B 292 19.26 24.82 11.03
C ASN B 292 18.94 24.18 9.69
N TYR B 293 19.26 24.91 8.63
CA TYR B 293 19.12 24.43 7.26
C TYR B 293 20.52 24.19 6.72
N PHE B 294 20.84 22.95 6.40
CA PHE B 294 22.14 22.59 5.84
C PHE B 294 22.02 22.45 4.32
N VAL B 295 22.95 23.08 3.61
CA VAL B 295 23.06 22.95 2.16
C VAL B 295 24.34 22.18 1.90
N VAL B 296 24.20 21.00 1.33
CA VAL B 296 25.26 20.00 1.33
C VAL B 296 25.70 19.77 -0.11
N ASN B 297 26.95 20.12 -0.41
CA ASN B 297 27.46 19.91 -1.74
C ASN B 297 28.94 19.57 -1.68
N PRO B 298 29.38 18.47 -2.30
CA PRO B 298 30.78 18.03 -2.18
C PRO B 298 31.75 18.83 -3.02
N MET B 299 31.30 19.66 -3.95
CA MET B 299 32.23 20.40 -4.80
C MET B 299 32.55 21.74 -4.17
N PRO B 300 33.82 22.07 -3.95
CA PRO B 300 34.17 23.36 -3.35
C PRO B 300 33.64 24.56 -4.13
N ALA B 301 33.63 24.47 -5.47
CA ALA B 301 33.16 25.61 -6.25
C ALA B 301 31.68 25.85 -6.06
N GLN B 302 30.88 24.78 -5.95
CA GLN B 302 29.47 24.95 -5.68
C GLN B 302 29.24 25.54 -4.29
N ARG B 303 30.05 25.14 -3.30
CA ARG B 303 29.90 25.71 -1.97
C ARG B 303 30.21 27.21 -1.97
N GLU B 304 31.24 27.60 -2.73
CA GLU B 304 31.57 29.02 -2.85
C GLU B 304 30.43 29.80 -3.51
N ILE B 305 29.81 29.22 -4.54
CA ILE B 305 28.68 29.89 -5.17
C ILE B 305 27.54 30.07 -4.17
N ALA B 306 27.23 29.02 -3.41
CA ALA B 306 26.13 29.11 -2.46
C ALA B 306 26.41 30.18 -1.41
N SER B 307 27.67 30.28 -0.94
CA SER B 307 28.01 31.29 0.05
C SER B 307 27.90 32.69 -0.54
N ARG B 308 28.22 32.86 -1.82
CA ARG B 308 28.10 34.18 -2.44
C ARG B 308 26.63 34.54 -2.63
N VAL B 309 25.79 33.55 -2.95
CA VAL B 309 24.36 33.81 -3.09
C VAL B 309 23.76 34.24 -1.76
N VAL B 310 24.21 33.64 -0.67
CA VAL B 310 23.63 33.94 0.64
C VAL B 310 24.06 35.34 1.10
N ARG B 311 25.34 35.68 0.92
CA ARG B 311 25.81 37.03 1.27
C ARG B 311 25.06 38.09 0.46
N HIS B 312 24.84 37.83 -0.83
CA HIS B 312 24.16 38.79 -1.69
C HIS B 312 22.66 38.83 -1.42
N TRP B 313 22.06 37.68 -1.11
CA TRP B 313 20.60 37.60 -1.02
C TRP B 313 20.04 38.44 0.12
N ILE B 314 20.79 38.57 1.22
CA ILE B 314 20.27 39.32 2.35
C ILE B 314 20.26 40.83 2.04
N LYS B 315 21.22 41.32 1.28
CA LYS B 315 21.24 42.73 0.90
C LYS B 315 20.48 42.95 -0.41
N TYR B 331 22.33 30.78 10.31
CA TYR B 331 21.15 29.90 10.33
C TYR B 331 21.16 28.87 9.21
N THR B 332 21.64 29.30 8.05
CA THR B 332 21.84 28.44 6.90
C THR B 332 23.32 28.09 6.85
N ILE B 333 23.61 26.79 6.75
CA ILE B 333 24.98 26.29 6.87
C ILE B 333 25.36 25.59 5.58
N ILE B 334 26.39 26.09 4.91
CA ILE B 334 26.90 25.45 3.70
C ILE B 334 28.01 24.49 4.11
N THR B 335 27.92 23.23 3.67
CA THR B 335 28.89 22.24 4.08
C THR B 335 29.01 21.18 3.00
N ASP B 336 29.95 20.24 3.20
CA ASP B 336 30.41 19.36 2.14
C ASP B 336 29.75 17.99 2.11
N SER B 337 29.36 17.41 3.25
CA SER B 337 28.93 16.02 3.28
C SER B 337 27.86 15.80 4.34
N LEU B 338 27.07 14.74 4.14
CA LEU B 338 26.12 14.33 5.17
C LEU B 338 26.83 14.07 6.49
N ALA B 339 28.03 13.48 6.43
CA ALA B 339 28.76 13.21 7.67
C ALA B 339 29.03 14.51 8.41
N SER B 340 29.35 15.58 7.69
CA SER B 340 29.59 16.86 8.34
CA SER B 340 29.59 16.87 8.33
C SER B 340 28.32 17.40 8.99
N VAL B 341 27.17 17.19 8.36
CA VAL B 341 25.91 17.62 8.94
C VAL B 341 25.66 16.88 10.25
N ILE B 342 25.94 15.58 10.26
CA ILE B 342 25.66 14.78 11.45
C ILE B 342 26.55 15.20 12.61
N LYS B 343 27.85 15.38 12.35
CA LYS B 343 28.74 15.84 13.42
C LYS B 343 28.32 17.22 13.91
N SER B 344 27.87 18.08 12.99
CA SER B 344 27.41 19.40 13.38
C SER B 344 26.24 19.31 14.36
N ILE B 345 25.26 18.46 14.06
CA ILE B 345 24.10 18.32 14.94
C ILE B 345 24.49 17.65 16.25
N GLU B 346 25.33 16.61 16.18
CA GLU B 346 25.81 15.99 17.42
C GLU B 346 26.47 16.99 18.35
N GLU B 347 27.13 18.02 17.80
CA GLU B 347 27.75 19.03 18.66
C GLU B 347 26.71 19.95 19.26
N LYS B 348 25.67 20.28 18.51
CA LYS B 348 24.65 21.22 18.98
C LYS B 348 23.71 20.58 20.00
N GLU B 349 23.34 19.31 19.79
CA GLU B 349 22.33 18.63 20.59
C GLU B 349 22.90 17.65 21.59
N SER B 350 24.20 17.35 21.51
CA SER B 350 24.83 16.35 22.37
C SER B 350 24.09 15.02 22.27
N GLY B 351 23.94 14.56 21.03
CA GLY B 351 23.23 13.34 20.71
C GLY B 351 23.05 13.22 19.21
N SER B 352 23.03 12.00 18.68
CA SER B 352 22.91 11.86 17.23
C SER B 352 21.44 11.95 16.80
N PRO B 353 21.18 12.47 15.61
CA PRO B 353 19.80 12.59 15.15
C PRO B 353 19.29 11.29 14.53
N ILE B 354 17.97 11.20 14.46
CA ILE B 354 17.32 10.23 13.60
C ILE B 354 17.35 10.78 12.18
N ILE B 355 17.77 9.95 11.23
CA ILE B 355 17.94 10.40 9.85
C ILE B 355 16.75 9.92 9.03
N ILE B 356 16.00 10.87 8.47
CA ILE B 356 14.78 10.62 7.71
C ILE B 356 14.99 11.13 6.29
N ALA B 357 14.87 10.24 5.30
CA ALA B 357 14.98 10.67 3.90
C ALA B 357 13.59 10.88 3.29
N THR B 358 13.56 11.66 2.22
CA THR B 358 12.33 11.98 1.52
C THR B 358 12.45 11.59 0.04
N THR B 359 11.32 11.19 -0.56
CA THR B 359 11.31 10.83 -1.98
C THR B 359 9.87 10.65 -2.46
N ALA B 360 9.65 10.95 -3.74
CA ALA B 360 8.35 10.73 -4.36
C ALA B 360 8.08 9.25 -4.64
N ARG B 361 9.09 8.39 -4.54
CA ARG B 361 8.94 6.95 -4.78
C ARG B 361 8.60 6.24 -3.47
N TYR B 362 7.55 5.43 -3.47
CA TYR B 362 7.21 4.70 -2.26
C TYR B 362 8.31 3.66 -1.96
N GLN B 363 8.78 3.65 -0.73
CA GLN B 363 9.72 2.64 -0.24
C GLN B 363 9.01 1.74 0.77
N GLN B 364 9.30 0.44 0.72
CA GLN B 364 8.77 -0.46 1.73
C GLN B 364 9.07 0.09 3.12
N LYS B 365 8.09 -0.03 4.02
CA LYS B 365 8.20 0.42 5.41
C LYS B 365 8.46 1.93 5.54
N ALA B 366 8.19 2.71 4.50
CA ALA B 366 8.12 4.16 4.67
C ALA B 366 7.03 4.51 5.67
N ILE B 367 7.16 5.67 6.30
CA ILE B 367 6.29 6.02 7.43
C ILE B 367 5.59 7.35 7.19
N SER B 368 4.49 7.55 7.90
CA SER B 368 3.76 8.80 7.89
C SER B 368 4.39 9.80 8.85
N ILE B 369 4.01 11.06 8.68
CA ILE B 369 4.35 12.13 9.62
C ILE B 369 3.83 11.82 11.01
N GLU B 370 2.70 11.13 11.09
CA GLU B 370 2.13 10.78 12.39
C GLU B 370 2.95 9.69 13.06
N LYS B 371 3.45 8.73 12.29
CA LYS B 371 4.34 7.73 12.86
C LYS B 371 5.66 8.36 13.30
N LEU B 372 6.13 9.33 12.53
CA LEU B 372 7.37 10.03 12.87
C LEU B 372 7.26 10.72 14.21
N LYS B 373 6.16 11.43 14.44
CA LYS B 373 5.95 12.11 15.72
C LYS B 373 5.98 11.14 16.89
N GLU B 374 5.52 9.91 16.69
CA GLU B 374 5.45 9.01 17.82
C GLU B 374 6.82 8.39 18.14
N ILE B 375 7.69 8.24 17.15
CA ILE B 375 9.00 7.62 17.35
C ILE B 375 10.11 8.65 17.54
N ALA B 376 9.79 9.94 17.54
CA ALA B 376 10.82 10.99 17.61
C ALA B 376 11.15 11.28 19.07
N ASP B 377 12.10 10.52 19.63
CA ASP B 377 12.62 10.79 20.96
C ASP B 377 13.99 11.45 20.95
N ARG B 378 14.50 11.79 19.76
CA ARG B 378 15.81 12.37 19.51
C ARG B 378 15.64 13.51 18.50
N PRO B 379 16.63 14.38 18.31
CA PRO B 379 16.55 15.32 17.18
C PRO B 379 16.37 14.59 15.86
N ILE B 380 15.70 15.25 14.93
CA ILE B 380 15.39 14.68 13.63
C ILE B 380 16.12 15.47 12.55
N LEU B 381 16.81 14.76 11.67
CA LEU B 381 17.39 15.32 10.46
C LEU B 381 16.56 14.86 9.26
N LEU B 382 15.93 15.81 8.57
CA LEU B 382 15.17 15.53 7.35
C LEU B 382 16.07 15.78 6.15
N LEU B 383 16.20 14.78 5.27
CA LEU B 383 17.04 14.87 4.09
C LEU B 383 16.19 15.08 2.86
N PHE B 384 16.56 16.07 2.05
CA PHE B 384 15.89 16.37 0.79
C PHE B 384 16.91 16.32 -0.34
N GLY B 385 16.49 15.78 -1.49
CA GLY B 385 17.39 15.58 -2.60
C GLY B 385 17.24 16.66 -3.67
N THR B 386 18.08 16.51 -4.69
CA THR B 386 18.05 17.38 -5.87
C THR B 386 18.13 16.51 -7.13
N GLY B 387 18.16 17.16 -8.29
CA GLY B 387 18.22 16.41 -9.53
C GLY B 387 16.98 15.54 -9.65
N TRP B 388 17.18 14.25 -9.95
CA TRP B 388 16.07 13.31 -9.96
C TRP B 388 15.97 12.53 -8.65
N GLY B 389 16.55 13.05 -7.57
CA GLY B 389 16.34 12.51 -6.25
C GLY B 389 17.47 11.60 -5.78
N PHE B 390 17.35 11.20 -4.50
CA PHE B 390 18.33 10.33 -3.87
C PHE B 390 18.47 9.00 -4.61
N VAL B 391 19.71 8.54 -4.74
CA VAL B 391 19.92 7.15 -5.13
C VAL B 391 19.41 6.23 -4.02
N ASP B 392 19.19 4.96 -4.37
CA ASP B 392 18.64 4.02 -3.39
C ASP B 392 19.54 3.84 -2.18
N ASP B 393 20.87 3.94 -2.35
CA ASP B 393 21.79 3.70 -1.22
C ASP B 393 21.50 4.66 -0.06
N ILE B 394 21.16 5.90 -0.36
CA ILE B 394 20.83 6.86 0.69
C ILE B 394 19.53 6.44 1.37
N LEU B 395 18.55 6.02 0.58
CA LEU B 395 17.26 5.63 1.15
C LEU B 395 17.41 4.42 2.07
N GLU B 396 18.36 3.53 1.77
CA GLU B 396 18.54 2.35 2.60
C GLU B 396 19.30 2.67 3.87
N PHE B 397 20.19 3.66 3.81
CA PHE B 397 20.99 4.02 4.98
C PHE B 397 20.17 4.80 5.99
N ALA B 398 19.21 5.60 5.52
CA ALA B 398 18.39 6.40 6.42
C ALA B 398 17.64 5.50 7.40
N ASP B 399 17.47 6.01 8.63
CA ASP B 399 16.72 5.28 9.65
C ASP B 399 15.28 5.03 9.21
N TYR B 400 14.67 6.04 8.58
CA TYR B 400 13.32 5.92 8.04
C TYR B 400 13.24 6.77 6.77
N VAL B 401 12.27 6.43 5.93
CA VAL B 401 11.92 7.23 4.78
C VAL B 401 10.45 7.58 4.91
N LEU B 402 10.11 8.83 4.60
CA LEU B 402 8.72 9.26 4.69
C LEU B 402 7.92 8.72 3.51
N LYS B 403 6.66 8.39 3.76
CA LYS B 403 5.73 8.12 2.66
C LYS B 403 5.70 9.32 1.72
N PRO B 404 5.58 9.09 0.41
CA PRO B 404 5.63 10.20 -0.54
C PRO B 404 4.45 11.13 -0.36
N ILE B 405 4.66 12.40 -0.71
CA ILE B 405 3.54 13.33 -0.83
C ILE B 405 2.70 12.92 -2.03
N HIS B 406 1.39 12.80 -1.83
CA HIS B 406 0.48 12.51 -2.93
C HIS B 406 -0.73 13.44 -2.83
N GLY B 407 -1.30 13.76 -3.99
CA GLY B 407 -2.55 14.48 -4.06
C GLY B 407 -3.66 13.66 -4.68
N VAL B 408 -3.93 13.83 -5.98
CA VAL B 408 -4.95 12.99 -6.60
C VAL B 408 -4.48 11.58 -6.88
N GLY B 409 -3.17 11.31 -6.77
CA GLY B 409 -2.67 9.97 -6.83
C GLY B 409 -2.03 9.54 -8.14
N ASP B 410 -2.08 10.35 -9.20
CA ASP B 410 -1.49 9.95 -10.48
C ASP B 410 -0.26 10.78 -10.87
N PHE B 411 0.19 11.71 -10.04
CA PHE B 411 1.26 12.65 -10.37
C PHE B 411 1.74 13.27 -9.07
N ASN B 412 3.05 13.17 -8.77
CA ASN B 412 3.51 13.81 -7.54
C ASN B 412 4.92 14.36 -7.68
N HIS B 413 5.27 14.83 -8.88
CA HIS B 413 6.59 15.41 -9.17
C HIS B 413 6.59 16.87 -8.70
N LEU B 414 6.85 17.05 -7.41
CA LEU B 414 6.97 18.40 -6.85
C LEU B 414 8.42 18.85 -6.84
N SER B 415 8.61 20.17 -6.82
CA SER B 415 9.93 20.72 -6.54
C SER B 415 10.33 20.38 -5.11
N VAL B 416 11.65 20.38 -4.87
CA VAL B 416 12.12 20.14 -3.51
C VAL B 416 11.62 21.24 -2.59
N ARG B 417 11.49 22.47 -3.10
CA ARG B 417 11.02 23.59 -2.30
C ARG B 417 9.60 23.35 -1.83
N SER B 418 8.74 22.83 -2.71
CA SER B 418 7.36 22.57 -2.31
C SER B 418 7.28 21.40 -1.34
N ALA B 419 8.13 20.38 -1.52
CA ALA B 419 8.07 19.21 -0.64
C ALA B 419 8.49 19.59 0.77
N VAL B 420 9.53 20.42 0.90
CA VAL B 420 9.94 20.94 2.21
C VAL B 420 8.77 21.66 2.87
N ALA B 421 8.12 22.56 2.13
CA ALA B 421 7.01 23.32 2.71
C ALA B 421 5.92 22.39 3.22
N ILE B 422 5.54 21.39 2.43
CA ILE B 422 4.44 20.49 2.79
C ILE B 422 4.80 19.68 4.03
N TYR B 423 5.96 19.01 4.02
CA TYR B 423 6.30 18.14 5.14
C TYR B 423 6.45 18.94 6.43
N LEU B 424 7.06 20.14 6.36
CA LEU B 424 7.19 20.96 7.56
C LEU B 424 5.83 21.39 8.08
N ASP B 425 4.91 21.77 7.17
CA ASP B 425 3.56 22.14 7.61
C ASP B 425 2.86 20.94 8.25
N ARG B 426 3.02 19.75 7.66
CA ARG B 426 2.40 18.56 8.25
C ARG B 426 2.95 18.29 9.64
N ILE B 427 4.27 18.39 9.81
CA ILE B 427 4.87 18.18 11.12
C ILE B 427 4.35 19.22 12.11
N ASN B 428 4.32 20.48 11.70
CA ASN B 428 3.81 21.52 12.58
C ASN B 428 2.37 21.23 12.99
N ARG B 429 1.52 20.84 12.02
CA ARG B 429 0.12 20.62 12.34
C ARG B 429 -0.09 19.39 13.21
N SER B 430 0.79 18.38 13.11
CA SER B 430 0.62 17.19 13.94
C SER B 430 0.83 17.48 15.42
N PHE B 431 1.54 18.56 15.77
CA PHE B 431 1.69 18.96 17.16
C PHE B 431 0.61 19.92 17.62
N GLN B 432 -0.13 20.52 16.70
CA GLN B 432 -1.22 21.43 17.03
C GLN B 432 -2.46 20.63 17.41
MG MG C . 2.89 -13.74 -15.50
CL CL D . -2.58 -36.74 10.20
CL CL E . -7.15 41.81 -12.73
N SAM F . 2.01 38.73 2.03
N SAM F . 2.72 39.77 3.29
CA SAM F . 3.39 38.27 2.15
CA SAM F . 2.43 39.23 1.97
C SAM F . 3.99 38.60 3.51
C SAM F . 1.02 38.61 1.93
O SAM F . 3.64 39.59 4.16
O SAM F . 0.02 39.27 1.70
OXT SAM F . 4.83 37.86 4.01
OXT SAM F . 0.86 37.40 2.12
CB SAM F . 4.26 38.88 1.05
CB SAM F . 3.49 38.21 1.57
CG SAM F . 3.88 38.43 -0.35
CG SAM F . 3.88 38.19 0.09
SD SAM F . 4.18 36.65 -0.57
SD SAM F . 4.25 36.51 -0.48
CE SAM F . 5.90 36.61 -1.13
CE SAM F . 5.95 36.65 -1.11
C5' SAM F . 3.33 36.32 -2.14
C5' SAM F . 3.35 36.42 -2.05
C4' SAM F . 2.06 35.51 -1.95
C4' SAM F . 2.09 35.57 -1.92
O4' SAM F . 2.30 34.28 -1.30
O4' SAM F . 2.37 34.33 -1.31
C3' SAM F . 1.02 36.24 -1.10
C3' SAM F . 1.01 36.23 -1.08
O3' SAM F . 0.24 37.07 -1.91
O3' SAM F . 0.24 37.09 -1.86
C2' SAM F . 0.20 35.08 -0.58
C2' SAM F . 0.21 35.03 -0.66
O2' SAM F . -0.72 34.73 -1.58
O2' SAM F . -0.59 34.65 -1.75
C1' SAM F . 1.20 33.95 -0.48
C1' SAM F . 1.25 33.95 -0.51
N9 SAM F . 1.67 33.75 0.90
N9 SAM F . 1.69 33.74 0.88
C8 SAM F . 2.94 33.94 1.35
C8 SAM F . 2.97 33.91 1.35
N7 SAM F . 2.99 33.64 2.68
N7 SAM F . 3.01 33.61 2.67
C5 SAM F . 1.75 33.27 3.07
C5 SAM F . 1.76 33.25 3.05
C6 SAM F . 1.25 32.86 4.30
C6 SAM F . 1.23 32.87 4.28
N6 SAM F . 2.03 32.80 5.38
N6 SAM F . 2.02 32.78 5.37
N1 SAM F . -0.09 32.53 4.41
N1 SAM F . -0.11 32.56 4.39
C2 SAM F . -0.92 32.59 3.31
C2 SAM F . -0.92 32.64 3.28
N3 SAM F . -0.40 33.00 2.09
N3 SAM F . -0.39 33.04 2.06
C4 SAM F . 0.91 33.33 1.97
C4 SAM F . 0.92 33.33 1.95
N SAM G . -8.98 -16.90 18.21
CA SAM G . -7.88 -16.46 17.34
C SAM G . -8.05 -15.02 16.89
O SAM G . -9.18 -14.52 16.76
OXT SAM G . -7.06 -14.31 16.64
CB SAM G . -7.78 -17.34 16.10
CG SAM G . -7.83 -18.85 16.36
SD SAM G . -7.90 -19.76 14.80
CE SAM G . -9.67 -20.18 14.84
C5' SAM G . -7.02 -21.32 15.09
C4' SAM G . -5.65 -21.37 14.40
O4' SAM G . -5.80 -21.14 13.00
C3' SAM G . -4.68 -20.30 14.89
O3' SAM G . -3.92 -20.71 16.00
C2' SAM G . -3.80 -20.03 13.67
O2' SAM G . -2.62 -20.83 13.68
C1' SAM G . -4.69 -20.41 12.50
N9 SAM G . -5.19 -19.20 11.81
C8 SAM G . -6.48 -18.73 11.78
N7 SAM G . -6.50 -17.58 11.05
C5 SAM G . -5.24 -17.31 10.65
C6 SAM G . -4.67 -16.28 9.89
N6 SAM G . -5.39 -15.29 9.42
N1 SAM G . -3.32 -16.30 9.63
C2 SAM G . -2.54 -17.31 10.12
N3 SAM G . -3.09 -18.32 10.87
C4 SAM G . -4.41 -18.32 11.11
C1 GOL H . -9.35 -7.03 -17.25
O1 GOL H . -9.64 -6.22 -18.37
C2 GOL H . -10.15 -6.45 -16.03
O2 GOL H . -9.67 -5.22 -15.62
C3 GOL H . -10.05 -7.50 -14.89
O3 GOL H . -10.71 -6.95 -13.76
C1 GOL I . 0.34 -28.20 -3.58
O1 GOL I . 1.37 -28.97 -4.06
C2 GOL I . 0.24 -27.01 -4.52
O2 GOL I . -0.10 -27.40 -5.80
C3 GOL I . -0.82 -26.11 -3.90
O3 GOL I . -0.68 -24.90 -4.53
C1 GOL J . -6.13 16.07 -13.56
O1 GOL J . -6.24 15.88 -12.18
C2 GOL J . -6.50 17.52 -13.82
O2 GOL J . -7.50 17.96 -12.95
C3 GOL J . -5.18 18.29 -13.70
O3 GOL J . -4.88 18.43 -12.35
C1 GOL K . -8.16 -23.82 35.00
O1 GOL K . -8.62 -25.13 34.97
C2 GOL K . -8.36 -23.26 33.59
O2 GOL K . -9.61 -23.57 33.08
C3 GOL K . -7.22 -23.88 32.76
O3 GOL K . -7.52 -25.22 32.66
C1 GOL L . 0.67 -9.76 22.45
O1 GOL L . 0.48 -8.90 23.55
C2 GOL L . 1.25 -8.89 21.30
O2 GOL L . 0.63 -7.65 21.24
C3 GOL L . 1.02 -9.73 20.00
O3 GOL L . 1.72 -9.09 18.94
C1 GOL M . -18.72 -8.79 -19.94
O1 GOL M . -17.79 -9.07 -18.92
C2 GOL M . -18.26 -9.48 -21.28
O2 GOL M . -18.61 -8.74 -22.39
C3 GOL M . -18.94 -10.88 -21.31
O3 GOL M . -19.23 -11.17 -22.65
MG MG N . -12.13 -15.90 19.90
CL CL O . 2.77 11.88 6.17
CL CL P . -6.67 -35.58 -8.48
N SAM Q . -0.26 -14.90 -13.95
CA SAM Q . -1.30 -14.60 -12.96
C SAM Q . -1.05 -13.22 -12.36
O SAM Q . 0.12 -12.82 -12.28
OXT SAM Q . -1.98 -12.54 -11.97
CB SAM Q . -1.32 -15.65 -11.84
CG SAM Q . -1.34 -17.09 -12.31
SD SAM Q . -1.25 -18.19 -10.87
CE SAM Q . 0.50 -18.68 -10.93
C5' SAM Q . -2.15 -19.69 -11.37
C4' SAM Q . -3.53 -19.82 -10.70
O4' SAM Q . -3.39 -19.82 -9.30
C3' SAM Q . -4.45 -18.65 -11.01
O3' SAM Q . -5.23 -18.87 -12.16
C2' SAM Q . -5.33 -18.52 -9.77
O2' SAM Q . -6.49 -19.34 -9.88
C1' SAM Q . -4.47 -19.10 -8.68
N9 SAM Q . -3.97 -17.99 -7.85
C8 SAM Q . -2.68 -17.53 -7.77
N7 SAM Q . -2.64 -16.49 -6.90
C5 SAM Q . -3.90 -16.25 -6.47
C6 SAM Q . -4.43 -15.31 -5.60
N6 SAM Q . -3.68 -14.39 -5.01
N1 SAM Q . -5.78 -15.34 -5.35
C2 SAM Q . -6.60 -16.28 -5.93
N3 SAM Q . -6.07 -17.20 -6.79
C4 SAM Q . -4.74 -17.20 -7.05
N SAM R . 12.13 12.07 -6.95
N SAM R . 11.54 11.28 -8.06
CA SAM R . 11.63 13.23 -7.68
CA SAM R . 12.40 12.16 -7.29
C SAM R . 10.50 12.83 -8.62
C SAM R . 12.33 11.82 -5.80
O SAM R . 10.42 11.71 -9.12
O SAM R . 12.85 10.82 -5.33
OXT SAM R . 9.62 13.64 -8.89
OXT SAM R . 11.76 12.57 -5.02
CB SAM R . 12.76 13.91 -8.46
CB SAM R . 12.01 13.62 -7.54
CG SAM R . 13.62 14.84 -7.62
CG SAM R . 13.12 14.66 -7.43
SD SAM R . 12.62 16.13 -6.81
SD SAM R . 12.47 16.22 -6.77
CE SAM R . 12.64 17.47 -8.05
CE SAM R . 12.71 17.40 -8.14
C5' SAM R . 13.75 16.82 -5.58
C5' SAM R . 13.74 16.78 -5.61
C4' SAM R . 13.41 16.43 -4.14
C4' SAM R . 13.44 16.44 -4.15
O4' SAM R . 12.14 16.92 -3.73
O4' SAM R . 12.17 16.94 -3.75
C3' SAM R . 13.35 14.92 -3.91
C3' SAM R . 13.40 14.95 -3.86
O3' SAM R . 14.62 14.38 -3.66
O3' SAM R . 14.67 14.43 -3.59
C2' SAM R . 12.49 14.83 -2.67
C2' SAM R . 12.53 14.87 -2.63
O2' SAM R . 13.31 15.07 -1.54
O2' SAM R . 13.32 15.15 -1.50
C1' SAM R . 11.56 16.01 -2.82
C1' SAM R . 11.58 16.04 -2.82
N9 SAM R . 10.26 15.60 -3.34
N9 SAM R . 10.28 15.61 -3.35
C8 SAM R . 9.72 15.96 -4.56
C8 SAM R . 9.77 15.94 -4.59
N7 SAM R . 8.50 15.40 -4.69
N7 SAM R . 8.55 15.38 -4.72
C5 SAM R . 8.25 14.67 -3.57
C5 SAM R . 8.28 14.68 -3.60
C6 SAM R . 7.16 13.90 -3.20
C6 SAM R . 7.17 13.92 -3.23
N6 SAM R . 6.10 13.78 -4.01
N6 SAM R . 6.14 13.79 -4.05
N1 SAM R . 7.18 13.26 -1.97
N1 SAM R . 7.17 13.32 -1.99
C2 SAM R . 8.27 13.38 -1.15
C2 SAM R . 8.25 13.46 -1.14
N3 SAM R . 9.36 14.15 -1.53
N3 SAM R . 9.34 14.21 -1.52
C4 SAM R . 9.34 14.79 -2.72
C4 SAM R . 9.35 14.81 -2.72
C1 GOL S . -24.67 -12.71 -14.67
O1 GOL S . -24.98 -11.47 -14.09
C2 GOL S . -23.15 -12.74 -14.89
O2 GOL S . -22.49 -12.07 -13.86
C3 GOL S . -22.78 -14.25 -14.96
O3 GOL S . -22.62 -14.58 -16.31
C1 GOL T . -8.92 -26.77 6.66
O1 GOL T . -8.33 -25.75 7.40
C2 GOL T . -8.80 -28.06 7.48
O2 GOL T . -8.47 -27.82 8.79
C3 GOL T . -10.19 -28.72 7.31
O3 GOL T . -10.10 -29.59 6.24
#